data_1R47
#
_entry.id   1R47
#
_cell.length_a   89.998
_cell.length_b   89.998
_cell.length_c   216.312
_cell.angle_alpha   90.00
_cell.angle_beta   90.00
_cell.angle_gamma   120.00
#
_symmetry.space_group_name_H-M   'P 32 2 1'
#
loop_
_entity.id
_entity.type
_entity.pdbx_description
1 polymer 'Alpha-galactosidase A'
2 branched 2-acetamido-2-deoxy-beta-D-glucopyranose-(1-4)-2-acetamido-2-deoxy-beta-D-glucopyranose
3 branched alpha-D-mannopyranose-(1-3)-[alpha-D-mannopyranose-(1-6)]alpha-D-mannopyranose-(1-4)-2-acetamido-2-deoxy-beta-D-glucopyranose-(1-4)-2-acetamido-2-deoxy-beta-D-glucopyranose
4 branched alpha-D-mannopyranose-(1-4)-2-acetamido-2-deoxy-beta-D-glucopyranose-(1-4)-2-acetamido-2-deoxy-beta-D-glucopyranose
5 branched alpha-D-mannopyranose-(1-3)-[alpha-D-mannopyranose-(1-6)]alpha-D-mannopyranose-(1-4)-2-acetamido-2-deoxy-beta-D-glucopyranose-(1-4)-[alpha-L-fucopyranose-(1-6)]2-acetamido-2-deoxy-beta-D-glucopyranose
6 non-polymer beta-D-galactopyranose
7 non-polymer 1,2-ETHANEDIOL
8 water water
#
_entity_poly.entity_id   1
_entity_poly.type   'polypeptide(L)'
_entity_poly.pdbx_seq_one_letter_code
;LDNGLARTPTMGWLHWERFMCNLDCQEEPDSCISEKLFMEMAELMVSEGWKDAGYEYLCIDDCWMAPQRDSEGRLQADPQ
RFPHGIRQLANYVHSKGLKLGIYADVGNKTCAGFPGSFGYYDIDAQTFADWGVDLLKFDGCYCDSLENLADGYKHMSLAL
NRTGRSIVYSCEWPLYMWPFQKPNYTEIRQYCNHWRNFADIDDSWKSIKSILDWTSFNQERIVDVAGPGGWNDPDMLVIG
NFGLSWNQQVTQMALWAIMAAPLFMSNDLRHISPQAKALLQDKDVIAINQDPLGKQGYQLRQGDNFEVWERPLSGLAWAV
AMINRQEIGGPRSYTIAVASLGKGVACNPACFITQLLPVKRKLGFYEWTSRLRSHINPTGTVLLQLENTMQMSLKDLL
;
_entity_poly.pdbx_strand_id   A,B
#
# COMPACT_ATOMS: atom_id res chain seq x y z
N LEU A 1 2.55 -31.94 14.00
CA LEU A 1 2.29 -33.39 13.77
C LEU A 1 3.57 -34.09 13.32
N ASP A 2 4.07 -35.01 14.14
CA ASP A 2 5.30 -35.73 13.84
C ASP A 2 5.08 -36.87 12.85
N ASN A 3 4.98 -36.51 11.57
CA ASN A 3 4.79 -37.47 10.51
C ASN A 3 6.01 -37.39 9.62
N GLY A 4 7.05 -36.74 10.15
CA GLY A 4 8.28 -36.58 9.41
C GLY A 4 8.05 -35.64 8.24
N LEU A 5 7.00 -34.82 8.32
CA LEU A 5 6.71 -33.86 7.26
C LEU A 5 6.74 -32.45 7.80
N ALA A 6 7.09 -31.52 6.92
CA ALA A 6 7.16 -30.13 7.32
C ALA A 6 8.19 -30.04 8.43
N ARG A 7 9.40 -30.55 8.16
CA ARG A 7 10.47 -30.48 9.14
C ARG A 7 11.09 -29.12 8.88
N THR A 8 10.39 -28.38 8.02
CA THR A 8 10.75 -27.03 7.61
C THR A 8 9.46 -26.40 7.13
N PRO A 9 9.29 -25.09 7.34
CA PRO A 9 8.05 -24.45 6.88
C PRO A 9 7.74 -24.86 5.43
N THR A 10 6.55 -25.38 5.18
CA THR A 10 6.13 -25.82 3.84
C THR A 10 6.19 -24.68 2.84
N MET A 11 6.63 -24.97 1.62
CA MET A 11 6.70 -23.93 0.58
C MET A 11 5.88 -24.31 -0.63
N GLY A 12 4.99 -23.42 -1.06
CA GLY A 12 4.18 -23.70 -2.22
C GLY A 12 3.33 -22.54 -2.69
N TRP A 13 2.27 -22.84 -3.42
CA TRP A 13 1.35 -21.85 -3.95
C TRP A 13 -0.08 -22.25 -3.66
N LEU A 14 -0.93 -21.26 -3.40
CA LEU A 14 -2.30 -21.54 -3.09
C LEU A 14 -3.12 -20.49 -3.83
N HIS A 15 -4.03 -20.98 -4.65
CA HIS A 15 -4.87 -20.14 -5.46
C HIS A 15 -5.79 -19.15 -4.74
N TRP A 16 -6.14 -19.39 -3.49
CA TRP A 16 -7.10 -18.50 -2.83
C TRP A 16 -7.06 -16.97 -3.04
N GLU A 17 -6.24 -16.27 -2.29
CA GLU A 17 -6.21 -14.81 -2.41
C GLU A 17 -6.21 -14.24 -3.83
N ARG A 18 -5.45 -14.83 -4.74
CA ARG A 18 -5.36 -14.31 -6.10
C ARG A 18 -6.51 -14.65 -7.03
N PHE A 19 -7.23 -15.71 -6.72
CA PHE A 19 -8.33 -16.14 -7.59
C PHE A 19 -9.64 -16.43 -6.87
N MET A 20 -9.63 -16.36 -5.55
CA MET A 20 -10.82 -16.62 -4.78
C MET A 20 -11.66 -17.74 -5.36
N CYS A 21 -12.97 -17.57 -5.29
CA CYS A 21 -13.89 -18.57 -5.78
C CYS A 21 -14.53 -18.14 -7.08
N ASN A 22 -13.73 -18.08 -8.12
CA ASN A 22 -14.20 -17.67 -9.43
C ASN A 22 -14.69 -18.87 -10.25
N LEU A 23 -15.92 -18.78 -10.76
CA LEU A 23 -16.46 -19.90 -11.52
C LEU A 23 -16.92 -19.57 -12.95
N ASP A 24 -17.02 -18.28 -13.26
CA ASP A 24 -17.49 -17.85 -14.59
C ASP A 24 -16.45 -18.11 -15.67
N CYS A 25 -16.35 -19.37 -16.10
CA CYS A 25 -15.38 -19.73 -17.12
C CYS A 25 -15.89 -19.34 -18.50
N GLN A 26 -16.89 -18.47 -18.50
CA GLN A 26 -17.46 -17.98 -19.72
C GLN A 26 -16.76 -16.68 -20.12
N GLU A 27 -17.05 -15.61 -19.39
CA GLU A 27 -16.45 -14.31 -19.67
C GLU A 27 -15.09 -14.15 -19.01
N GLU A 28 -14.73 -15.11 -18.16
CA GLU A 28 -13.45 -15.07 -17.47
C GLU A 28 -12.98 -16.49 -17.31
N PRO A 29 -12.37 -17.05 -18.36
CA PRO A 29 -11.84 -18.41 -18.43
C PRO A 29 -10.43 -18.56 -17.87
N ASP A 30 -9.76 -17.44 -17.66
CA ASP A 30 -8.39 -17.48 -17.15
C ASP A 30 -8.27 -17.26 -15.64
N SER A 31 -9.30 -16.71 -15.03
CA SER A 31 -9.28 -16.48 -13.58
C SER A 31 -10.11 -17.59 -12.96
N CYS A 32 -10.86 -18.26 -13.82
CA CYS A 32 -11.72 -19.38 -13.49
C CYS A 32 -10.91 -20.53 -12.88
N ILE A 33 -11.44 -21.11 -11.81
CA ILE A 33 -10.80 -22.21 -11.11
C ILE A 33 -10.99 -23.56 -11.83
N SER A 34 -10.01 -23.94 -12.65
CA SER A 34 -10.08 -25.20 -13.40
C SER A 34 -8.75 -25.92 -13.49
N GLU A 35 -8.81 -27.22 -13.77
CA GLU A 35 -7.61 -28.02 -13.91
C GLU A 35 -6.73 -27.35 -14.96
N LYS A 36 -7.38 -26.63 -15.86
CA LYS A 36 -6.68 -25.92 -16.91
C LYS A 36 -5.85 -24.85 -16.20
N LEU A 37 -6.47 -24.14 -15.26
CA LEU A 37 -5.74 -23.11 -14.51
C LEU A 37 -4.46 -23.68 -13.87
N PHE A 38 -4.65 -24.50 -12.85
CA PHE A 38 -3.50 -25.09 -12.17
C PHE A 38 -2.46 -25.66 -13.14
N MET A 39 -2.92 -26.54 -14.01
CA MET A 39 -2.09 -27.21 -15.01
C MET A 39 -1.12 -26.22 -15.61
N GLU A 40 -1.62 -25.02 -15.89
CA GLU A 40 -0.81 -23.97 -16.45
C GLU A 40 0.21 -23.60 -15.38
N MET A 41 -0.30 -23.14 -14.25
CA MET A 41 0.54 -22.77 -13.12
C MET A 41 1.66 -23.78 -12.86
N ALA A 42 1.30 -25.06 -12.72
CA ALA A 42 2.26 -26.15 -12.48
C ALA A 42 3.44 -26.06 -13.42
N GLU A 43 3.13 -25.90 -14.70
CA GLU A 43 4.13 -25.78 -15.74
C GLU A 43 5.14 -24.72 -15.33
N LEU A 44 4.62 -23.51 -15.06
CA LEU A 44 5.43 -22.36 -14.66
C LEU A 44 6.35 -22.54 -13.48
N MET A 45 5.80 -22.92 -12.33
CA MET A 45 6.63 -23.11 -11.14
C MET A 45 7.94 -23.75 -11.55
N VAL A 46 7.85 -24.68 -12.50
CA VAL A 46 9.01 -25.37 -13.04
C VAL A 46 9.80 -24.45 -13.97
N SER A 47 9.08 -23.75 -14.85
CA SER A 47 9.67 -22.82 -15.81
C SER A 47 10.59 -21.77 -15.22
N GLU A 48 10.02 -20.70 -14.68
CA GLU A 48 10.83 -19.63 -14.10
C GLU A 48 11.54 -20.02 -12.80
N GLY A 49 11.88 -21.31 -12.70
CA GLY A 49 12.60 -21.82 -11.55
C GLY A 49 12.05 -21.58 -10.16
N TRP A 50 10.76 -21.76 -9.98
CA TRP A 50 10.17 -21.60 -8.64
C TRP A 50 10.50 -22.86 -7.85
N LYS A 51 10.32 -23.99 -8.50
CA LYS A 51 10.60 -25.27 -7.88
C LYS A 51 12.01 -25.25 -7.33
N ASP A 52 12.96 -24.86 -8.17
CA ASP A 52 14.37 -24.80 -7.80
C ASP A 52 14.61 -24.01 -6.52
N ALA A 53 13.84 -22.94 -6.33
CA ALA A 53 14.00 -22.09 -5.16
C ALA A 53 13.41 -22.70 -3.90
N GLY A 54 12.49 -23.64 -4.05
CA GLY A 54 11.90 -24.27 -2.86
C GLY A 54 10.41 -24.61 -2.93
N TYR A 55 9.63 -23.72 -3.52
CA TYR A 55 8.19 -23.96 -3.63
C TYR A 55 8.04 -25.26 -4.36
N GLU A 56 7.41 -26.22 -3.69
CA GLU A 56 7.24 -27.53 -4.27
C GLU A 56 5.82 -28.05 -4.17
N TYR A 57 4.97 -27.30 -3.48
CA TYR A 57 3.57 -27.67 -3.31
C TYR A 57 2.59 -26.74 -4.02
N LEU A 58 1.78 -27.32 -4.89
CA LEU A 58 0.76 -26.58 -5.64
C LEU A 58 -0.57 -27.05 -5.03
N CYS A 59 -1.30 -26.11 -4.44
CA CYS A 59 -2.54 -26.50 -3.78
C CYS A 59 -3.81 -25.80 -4.16
N ILE A 60 -4.87 -26.59 -4.17
CA ILE A 60 -6.20 -26.13 -4.51
C ILE A 60 -6.93 -25.79 -3.23
N ASP A 61 -7.66 -24.69 -3.26
CA ASP A 61 -8.43 -24.25 -2.12
C ASP A 61 -9.91 -24.49 -2.44
N ASP A 62 -10.79 -24.01 -1.58
CA ASP A 62 -12.22 -24.17 -1.74
C ASP A 62 -12.73 -23.93 -3.16
N CYS A 63 -13.90 -24.47 -3.46
CA CYS A 63 -14.53 -24.26 -4.77
C CYS A 63 -13.99 -25.10 -5.91
N TRP A 64 -13.33 -26.20 -5.58
CA TRP A 64 -12.77 -27.08 -6.59
C TRP A 64 -13.73 -28.26 -6.78
N MET A 65 -14.65 -28.41 -5.84
CA MET A 65 -15.58 -29.52 -5.85
C MET A 65 -16.93 -29.29 -6.52
N ALA A 66 -17.46 -30.37 -7.06
CA ALA A 66 -18.76 -30.34 -7.69
C ALA A 66 -19.72 -30.30 -6.49
N PRO A 67 -20.98 -29.94 -6.74
CA PRO A 67 -22.08 -29.81 -5.78
C PRO A 67 -22.35 -30.92 -4.77
N GLN A 68 -22.05 -32.16 -5.12
CA GLN A 68 -22.26 -33.24 -4.16
C GLN A 68 -21.63 -34.58 -4.49
N ARG A 69 -21.64 -35.42 -3.47
CA ARG A 69 -21.09 -36.76 -3.48
C ARG A 69 -21.61 -37.58 -4.65
N ASP A 70 -20.87 -38.62 -5.00
CA ASP A 70 -21.26 -39.51 -6.08
C ASP A 70 -22.10 -40.67 -5.54
N SER A 71 -22.49 -41.57 -6.42
CA SER A 71 -23.29 -42.72 -6.03
C SER A 71 -22.61 -43.41 -4.85
N GLU A 72 -21.28 -43.50 -4.93
CA GLU A 72 -20.46 -44.14 -3.91
C GLU A 72 -20.47 -43.30 -2.63
N GLY A 73 -20.68 -42.00 -2.77
CA GLY A 73 -20.72 -41.14 -1.59
C GLY A 73 -19.43 -40.41 -1.28
N ARG A 74 -18.49 -40.42 -2.23
CA ARG A 74 -17.22 -39.73 -2.04
C ARG A 74 -17.37 -38.40 -2.76
N LEU A 75 -16.39 -37.52 -2.62
CA LEU A 75 -16.48 -36.25 -3.30
C LEU A 75 -16.25 -36.39 -4.78
N GLN A 76 -16.13 -35.27 -5.45
CA GLN A 76 -15.90 -35.24 -6.87
C GLN A 76 -15.70 -33.81 -7.24
N ALA A 77 -14.71 -33.57 -8.10
CA ALA A 77 -14.42 -32.22 -8.55
C ALA A 77 -15.50 -31.83 -9.52
N ASP A 78 -15.74 -30.53 -9.66
CA ASP A 78 -16.73 -30.02 -10.57
C ASP A 78 -16.48 -30.71 -11.92
N PRO A 79 -17.52 -31.34 -12.48
CA PRO A 79 -17.44 -32.06 -13.76
C PRO A 79 -16.90 -31.23 -14.90
N GLN A 80 -17.41 -30.00 -15.01
CA GLN A 80 -17.04 -29.09 -16.07
C GLN A 80 -15.63 -28.48 -15.92
N ARG A 81 -15.30 -28.04 -14.71
CA ARG A 81 -14.01 -27.43 -14.44
C ARG A 81 -12.90 -28.46 -14.14
N PHE A 82 -13.28 -29.71 -13.92
CA PHE A 82 -12.30 -30.75 -13.61
C PHE A 82 -12.80 -32.09 -14.14
N PRO A 83 -13.03 -32.17 -15.46
CA PRO A 83 -13.52 -33.30 -16.25
C PRO A 83 -12.70 -34.57 -16.15
N HIS A 84 -11.39 -34.41 -16.19
CA HIS A 84 -10.50 -35.56 -16.10
C HIS A 84 -10.41 -36.10 -14.68
N GLY A 85 -10.61 -35.23 -13.69
CA GLY A 85 -10.55 -35.66 -12.30
C GLY A 85 -9.23 -35.44 -11.60
N ILE A 86 -9.30 -35.19 -10.31
CA ILE A 86 -8.09 -34.95 -9.52
C ILE A 86 -6.98 -35.93 -9.82
N ARG A 87 -7.18 -37.20 -9.45
CA ARG A 87 -6.16 -38.22 -9.68
C ARG A 87 -5.27 -37.79 -10.83
N GLN A 88 -5.81 -37.90 -12.04
CA GLN A 88 -5.04 -37.54 -13.21
C GLN A 88 -4.33 -36.20 -13.07
N LEU A 89 -5.02 -35.23 -12.51
CA LEU A 89 -4.42 -33.92 -12.31
C LEU A 89 -3.10 -34.13 -11.55
N ALA A 90 -3.23 -34.81 -10.42
CA ALA A 90 -2.11 -35.11 -9.54
C ALA A 90 -0.95 -35.70 -10.32
N ASN A 91 -1.24 -36.72 -11.13
CA ASN A 91 -0.21 -37.38 -11.90
C ASN A 91 0.56 -36.41 -12.76
N TYR A 92 -0.11 -35.40 -13.31
CA TYR A 92 0.60 -34.42 -14.13
C TYR A 92 1.50 -33.67 -13.17
N VAL A 93 0.88 -33.18 -12.10
CA VAL A 93 1.60 -32.44 -11.07
C VAL A 93 2.85 -33.22 -10.63
N HIS A 94 2.70 -34.53 -10.43
CA HIS A 94 3.83 -35.33 -10.04
C HIS A 94 4.78 -35.48 -11.23
N SER A 95 4.23 -35.72 -12.41
CA SER A 95 5.03 -35.85 -13.63
C SER A 95 5.95 -34.66 -13.70
N LYS A 96 5.43 -33.51 -13.32
CA LYS A 96 6.21 -32.28 -13.34
C LYS A 96 7.05 -32.09 -12.05
N GLY A 97 7.11 -33.15 -11.23
CA GLY A 97 7.91 -33.13 -10.03
C GLY A 97 7.34 -32.44 -8.80
N LEU A 98 6.13 -31.91 -8.93
CA LEU A 98 5.52 -31.20 -7.81
C LEU A 98 4.57 -32.06 -7.00
N LYS A 99 4.09 -31.50 -5.91
CA LYS A 99 3.16 -32.19 -5.04
C LYS A 99 1.86 -31.38 -5.00
N LEU A 100 0.73 -32.08 -5.08
CA LEU A 100 -0.58 -31.45 -5.07
C LEU A 100 -1.25 -31.40 -3.70
N GLY A 101 -2.06 -30.37 -3.51
CA GLY A 101 -2.78 -30.20 -2.25
C GLY A 101 -4.23 -29.84 -2.53
N ILE A 102 -5.12 -30.37 -1.69
CA ILE A 102 -6.53 -30.09 -1.87
C ILE A 102 -7.15 -29.50 -0.60
N TYR A 103 -8.26 -28.80 -0.79
CA TYR A 103 -8.98 -28.14 0.29
C TYR A 103 -10.18 -28.99 0.71
N ALA A 104 -10.50 -28.97 2.01
CA ALA A 104 -11.65 -29.73 2.53
C ALA A 104 -12.19 -29.01 3.74
N ASP A 105 -13.35 -29.43 4.22
CA ASP A 105 -13.91 -28.79 5.41
C ASP A 105 -14.47 -29.78 6.42
N VAL A 106 -14.10 -29.57 7.67
CA VAL A 106 -14.53 -30.41 8.75
C VAL A 106 -16.02 -30.46 9.00
N GLY A 107 -16.69 -29.32 8.81
CA GLY A 107 -18.10 -29.25 9.07
C GLY A 107 -19.04 -29.78 8.01
N ASN A 108 -20.25 -29.23 8.01
CA ASN A 108 -21.28 -29.63 7.05
C ASN A 108 -21.11 -28.98 5.65
N LYS A 109 -20.21 -28.00 5.53
CA LYS A 109 -19.93 -27.32 4.25
C LYS A 109 -18.56 -26.63 4.28
N THR A 110 -17.99 -26.37 3.10
CA THR A 110 -16.71 -25.69 3.00
C THR A 110 -17.15 -24.25 3.16
N CYS A 111 -16.24 -23.31 3.45
CA CYS A 111 -16.71 -21.94 3.60
C CYS A 111 -17.38 -21.49 2.30
N ALA A 112 -17.23 -22.30 1.26
CA ALA A 112 -17.82 -21.97 -0.04
C ALA A 112 -19.29 -22.40 -0.13
N GLY A 113 -19.68 -23.42 0.63
CA GLY A 113 -21.04 -23.88 0.57
C GLY A 113 -21.07 -25.29 0.01
N PHE A 114 -19.96 -25.67 -0.59
CA PHE A 114 -19.86 -27.00 -1.17
C PHE A 114 -19.73 -28.07 -0.10
N PRO A 115 -19.84 -29.35 -0.49
CA PRO A 115 -19.74 -30.52 0.38
C PRO A 115 -18.86 -30.31 1.59
N GLY A 116 -19.28 -30.87 2.71
CA GLY A 116 -18.53 -30.73 3.94
C GLY A 116 -17.55 -31.88 4.05
N SER A 117 -17.75 -32.72 5.06
CA SER A 117 -16.89 -33.87 5.30
C SER A 117 -17.34 -34.54 6.59
N PHE A 118 -18.30 -33.89 7.24
CA PHE A 118 -18.84 -34.38 8.50
C PHE A 118 -19.30 -35.82 8.34
N GLY A 119 -18.75 -36.71 9.14
CA GLY A 119 -19.12 -38.10 9.04
C GLY A 119 -18.78 -38.67 7.68
N TYR A 120 -17.57 -38.40 7.22
CA TYR A 120 -17.09 -38.88 5.94
C TYR A 120 -15.58 -38.94 6.00
N TYR A 121 -15.03 -38.30 7.03
CA TYR A 121 -13.59 -38.24 7.24
C TYR A 121 -12.87 -39.44 6.66
N ASP A 122 -13.05 -40.59 7.29
CA ASP A 122 -12.40 -41.81 6.81
C ASP A 122 -12.54 -41.94 5.29
N ILE A 123 -13.77 -42.00 4.80
CA ILE A 123 -13.98 -42.12 3.35
C ILE A 123 -13.11 -41.13 2.59
N ASP A 124 -13.40 -39.85 2.80
CA ASP A 124 -12.65 -38.79 2.15
C ASP A 124 -11.16 -39.04 2.20
N ALA A 125 -10.63 -39.27 3.40
CA ALA A 125 -9.21 -39.53 3.54
C ALA A 125 -8.76 -40.55 2.49
N GLN A 126 -9.24 -41.78 2.60
CA GLN A 126 -8.88 -42.82 1.65
C GLN A 126 -9.00 -42.24 0.24
N THR A 127 -10.11 -41.56 -0.02
CA THR A 127 -10.33 -40.96 -1.32
C THR A 127 -9.05 -40.24 -1.75
N PHE A 128 -8.77 -39.10 -1.11
CA PHE A 128 -7.57 -38.30 -1.42
C PHE A 128 -6.34 -39.19 -1.49
N ALA A 129 -6.16 -39.98 -0.45
CA ALA A 129 -5.02 -40.87 -0.36
C ALA A 129 -4.87 -41.65 -1.65
N ASP A 130 -5.99 -42.05 -2.24
CA ASP A 130 -5.98 -42.80 -3.49
C ASP A 130 -5.81 -41.88 -4.69
N TRP A 131 -6.40 -40.68 -4.62
CA TRP A 131 -6.28 -39.71 -5.70
C TRP A 131 -4.83 -39.32 -5.92
N GLY A 132 -4.02 -39.55 -4.90
CA GLY A 132 -2.61 -39.22 -4.96
C GLY A 132 -2.30 -37.83 -4.41
N VAL A 133 -2.97 -37.46 -3.33
CA VAL A 133 -2.75 -36.17 -2.72
C VAL A 133 -1.51 -36.14 -1.84
N ASP A 134 -0.95 -34.96 -1.69
CA ASP A 134 0.24 -34.80 -0.87
C ASP A 134 -0.03 -33.86 0.29
N LEU A 135 -1.04 -33.02 0.18
CA LEU A 135 -1.32 -32.07 1.25
C LEU A 135 -2.80 -31.69 1.33
N LEU A 136 -3.30 -31.57 2.57
CA LEU A 136 -4.70 -31.21 2.80
C LEU A 136 -4.92 -29.95 3.64
N LYS A 137 -5.66 -28.99 3.09
CA LYS A 137 -5.97 -27.79 3.86
C LYS A 137 -7.33 -28.05 4.48
N PHE A 138 -7.36 -28.38 5.76
CA PHE A 138 -8.63 -28.66 6.40
C PHE A 138 -9.25 -27.43 7.06
N ASP A 139 -10.17 -26.79 6.34
CA ASP A 139 -10.88 -25.59 6.80
C ASP A 139 -12.00 -25.97 7.78
N GLY A 140 -12.45 -25.02 8.60
CA GLY A 140 -13.51 -25.32 9.54
C GLY A 140 -14.72 -24.40 9.59
N CYS A 141 -15.48 -24.35 8.51
CA CYS A 141 -16.69 -23.55 8.47
C CYS A 141 -17.87 -24.49 8.69
N TYR A 142 -18.85 -24.06 9.48
CA TYR A 142 -20.05 -24.86 9.70
C TYR A 142 -19.94 -26.11 10.60
N CYS A 143 -20.27 -25.96 11.88
CA CYS A 143 -20.24 -27.07 12.82
C CYS A 143 -20.79 -26.63 14.18
N ASP A 144 -21.59 -27.49 14.79
CA ASP A 144 -22.21 -27.21 16.07
C ASP A 144 -21.26 -26.61 17.12
N SER A 145 -20.67 -27.47 17.94
CA SER A 145 -19.76 -26.99 18.98
C SER A 145 -18.35 -27.53 18.77
N LEU A 146 -17.40 -26.96 19.50
CA LEU A 146 -16.00 -27.40 19.37
C LEU A 146 -15.94 -28.92 19.47
N GLU A 147 -16.91 -29.51 20.17
CA GLU A 147 -16.96 -30.96 20.26
C GLU A 147 -16.81 -31.46 18.83
N ASN A 148 -17.81 -31.19 18.00
CA ASN A 148 -17.77 -31.61 16.61
C ASN A 148 -16.49 -31.13 15.94
N LEU A 149 -16.06 -29.92 16.27
CA LEU A 149 -14.84 -29.34 15.69
C LEU A 149 -13.59 -30.11 16.12
N ALA A 150 -13.13 -29.85 17.33
CA ALA A 150 -11.94 -30.50 17.87
C ALA A 150 -11.85 -31.95 17.42
N ASP A 151 -12.91 -32.72 17.68
CA ASP A 151 -12.95 -34.13 17.28
C ASP A 151 -12.69 -34.31 15.79
N GLY A 152 -13.40 -33.55 14.97
CA GLY A 152 -13.24 -33.63 13.53
C GLY A 152 -11.79 -33.46 13.09
N TYR A 153 -11.14 -32.38 13.57
CA TYR A 153 -9.75 -32.13 13.21
C TYR A 153 -8.96 -33.34 13.65
N LYS A 154 -9.01 -33.64 14.95
CA LYS A 154 -8.30 -34.80 15.51
C LYS A 154 -8.59 -36.07 14.72
N HIS A 155 -9.87 -36.40 14.58
CA HIS A 155 -10.30 -37.58 13.87
C HIS A 155 -9.64 -37.69 12.51
N MET A 156 -9.99 -36.77 11.61
CA MET A 156 -9.42 -36.73 10.27
C MET A 156 -7.90 -36.97 10.34
N SER A 157 -7.23 -36.24 11.22
CA SER A 157 -5.79 -36.34 11.39
C SER A 157 -5.35 -37.79 11.43
N LEU A 158 -6.05 -38.59 12.22
CA LEU A 158 -5.76 -40.01 12.35
C LEU A 158 -6.12 -40.78 11.07
N ALA A 159 -7.27 -40.42 10.51
CA ALA A 159 -7.76 -41.06 9.29
C ALA A 159 -6.67 -41.07 8.24
N LEU A 160 -6.02 -39.92 8.06
CA LEU A 160 -4.95 -39.79 7.09
C LEU A 160 -3.76 -40.71 7.38
N ASN A 161 -3.05 -40.49 8.49
CA ASN A 161 -1.92 -41.35 8.77
C ASN A 161 -2.34 -42.76 8.43
N ARG A 162 -3.55 -43.12 8.84
CA ARG A 162 -4.07 -44.46 8.58
C ARG A 162 -3.97 -44.84 7.11
N THR A 163 -4.40 -43.93 6.23
CA THR A 163 -4.36 -44.20 4.80
C THR A 163 -2.98 -44.66 4.32
N GLY A 164 -1.94 -44.23 5.04
CA GLY A 164 -0.59 -44.61 4.67
C GLY A 164 0.13 -43.59 3.79
N ARG A 165 -0.65 -42.84 3.04
CA ARG A 165 -0.10 -41.81 2.17
C ARG A 165 0.47 -40.70 3.06
N SER A 166 1.66 -40.22 2.74
CA SER A 166 2.28 -39.15 3.51
C SER A 166 1.62 -37.84 3.10
N ILE A 167 0.71 -37.33 3.93
CA ILE A 167 -0.03 -36.09 3.63
C ILE A 167 0.21 -34.93 4.59
N VAL A 168 0.83 -33.85 4.12
CA VAL A 168 1.03 -32.70 5.00
C VAL A 168 -0.36 -32.19 5.36
N TYR A 169 -0.66 -32.20 6.65
CA TYR A 169 -1.96 -31.79 7.14
C TYR A 169 -1.92 -30.39 7.71
N SER A 170 -2.59 -29.45 7.04
CA SER A 170 -2.64 -28.04 7.46
C SER A 170 -3.99 -27.63 8.02
N CYS A 171 -4.04 -27.51 9.34
CA CYS A 171 -5.26 -27.15 10.04
C CYS A 171 -5.52 -25.65 10.12
N GLU A 172 -6.75 -25.33 10.50
CA GLU A 172 -7.23 -23.95 10.65
C GLU A 172 -7.96 -23.94 12.00
N TRP A 173 -7.85 -25.08 12.67
CA TRP A 173 -8.43 -25.35 13.97
C TRP A 173 -8.46 -24.13 14.93
N PRO A 174 -7.27 -23.64 15.32
CA PRO A 174 -7.13 -22.50 16.24
C PRO A 174 -8.01 -21.31 15.88
N LEU A 175 -7.85 -20.83 14.66
CA LEU A 175 -8.61 -19.69 14.17
C LEU A 175 -10.09 -19.79 14.55
N TYR A 176 -10.59 -21.00 14.78
CA TYR A 176 -11.99 -21.12 15.13
C TYR A 176 -12.32 -21.19 16.61
N MET A 177 -11.36 -21.63 17.43
CA MET A 177 -11.60 -21.69 18.87
C MET A 177 -11.81 -20.28 19.41
N TRP A 178 -11.05 -19.32 18.89
CA TRP A 178 -11.21 -17.95 19.33
C TRP A 178 -12.57 -17.50 18.83
N PRO A 179 -13.30 -16.71 19.63
CA PRO A 179 -12.91 -16.18 20.94
C PRO A 179 -13.75 -16.84 22.06
N PHE A 180 -13.67 -18.16 22.12
CA PHE A 180 -14.41 -18.94 23.11
C PHE A 180 -13.45 -19.45 24.17
N GLN A 181 -12.20 -19.69 23.76
CA GLN A 181 -11.18 -20.15 24.68
C GLN A 181 -9.87 -20.34 23.95
N LYS A 182 -8.80 -19.92 24.60
CA LYS A 182 -7.48 -20.05 24.03
C LYS A 182 -7.29 -21.55 23.81
N PRO A 183 -6.77 -21.94 22.63
CA PRO A 183 -6.53 -23.34 22.27
C PRO A 183 -5.36 -24.00 23.01
N ASN A 184 -5.35 -25.33 23.03
CA ASN A 184 -4.23 -26.02 23.67
C ASN A 184 -3.30 -26.34 22.51
N TYR A 185 -2.46 -25.37 22.16
CA TYR A 185 -1.53 -25.51 21.05
C TYR A 185 -0.66 -26.76 21.12
N THR A 186 -0.35 -27.20 22.33
CA THR A 186 0.48 -28.39 22.48
C THR A 186 -0.33 -29.54 21.93
N GLU A 187 -1.63 -29.45 22.14
CA GLU A 187 -2.57 -30.44 21.65
C GLU A 187 -2.54 -30.40 20.13
N ILE A 188 -3.05 -29.30 19.59
CA ILE A 188 -3.09 -29.06 18.16
C ILE A 188 -1.82 -29.52 17.43
N ARG A 189 -0.67 -29.09 17.96
CA ARG A 189 0.61 -29.44 17.37
C ARG A 189 0.79 -30.94 17.23
N GLN A 190 0.04 -31.71 17.99
CA GLN A 190 0.12 -33.17 17.92
C GLN A 190 -0.87 -33.66 16.89
N TYR A 191 -1.36 -32.74 16.07
CA TYR A 191 -2.34 -33.08 15.07
C TYR A 191 -2.18 -32.32 13.75
N CYS A 192 -1.27 -31.37 13.72
CA CYS A 192 -1.09 -30.58 12.51
C CYS A 192 0.33 -30.21 12.17
N ASN A 193 0.57 -30.03 10.89
CA ASN A 193 1.89 -29.65 10.41
C ASN A 193 2.00 -28.14 10.50
N HIS A 194 0.83 -27.49 10.52
CA HIS A 194 0.71 -26.05 10.69
C HIS A 194 -0.75 -25.65 10.65
N TRP A 195 -1.06 -24.66 11.47
CA TRP A 195 -2.42 -24.17 11.67
C TRP A 195 -2.58 -22.65 11.47
N ARG A 196 -3.79 -22.21 11.16
CA ARG A 196 -4.09 -20.79 10.99
C ARG A 196 -4.39 -20.17 12.35
N ASN A 197 -4.08 -18.89 12.52
CA ASN A 197 -4.33 -18.23 13.79
C ASN A 197 -5.22 -17.02 13.65
N PHE A 198 -4.92 -16.19 12.67
CA PHE A 198 -5.68 -14.98 12.45
C PHE A 198 -6.55 -15.08 11.20
N ALA A 199 -7.41 -14.08 11.01
CA ALA A 199 -8.31 -14.02 9.86
C ALA A 199 -7.57 -14.19 8.53
N ASP A 200 -8.31 -14.27 7.43
CA ASP A 200 -7.66 -14.38 6.11
C ASP A 200 -6.83 -13.14 5.87
N ILE A 201 -6.31 -13.03 4.66
CA ILE A 201 -5.46 -11.90 4.36
C ILE A 201 -5.79 -11.24 3.02
N ASP A 202 -6.05 -9.93 3.05
CA ASP A 202 -6.37 -9.13 1.88
C ASP A 202 -5.08 -8.75 1.19
N ASP A 203 -5.18 -8.26 -0.04
CA ASP A 203 -3.99 -7.81 -0.73
C ASP A 203 -3.89 -6.35 -0.27
N SER A 204 -3.59 -6.19 1.03
CA SER A 204 -3.51 -4.87 1.65
C SER A 204 -2.47 -4.75 2.73
N TRP A 205 -2.03 -3.53 3.00
CA TRP A 205 -1.05 -3.31 4.05
C TRP A 205 -1.74 -3.54 5.41
N LYS A 206 -2.94 -3.00 5.55
CA LYS A 206 -3.73 -3.15 6.77
C LYS A 206 -3.78 -4.60 7.22
N SER A 207 -4.37 -5.44 6.38
CA SER A 207 -4.49 -6.87 6.69
C SER A 207 -3.18 -7.44 7.22
N ILE A 208 -2.06 -7.00 6.65
CA ILE A 208 -0.78 -7.50 7.11
C ILE A 208 -0.45 -6.94 8.48
N LYS A 209 -0.59 -5.63 8.63
CA LYS A 209 -0.29 -5.00 9.90
C LYS A 209 -1.02 -5.73 11.03
N SER A 210 -2.33 -5.88 10.89
CA SER A 210 -3.11 -6.56 11.92
C SER A 210 -2.53 -7.93 12.28
N ILE A 211 -2.18 -8.73 11.27
CA ILE A 211 -1.62 -10.06 11.52
C ILE A 211 -0.32 -9.96 12.35
N LEU A 212 0.57 -9.06 11.96
CA LEU A 212 1.77 -8.90 12.73
C LEU A 212 1.33 -8.52 14.12
N ASP A 213 0.69 -7.34 14.19
CA ASP A 213 0.18 -6.79 15.44
C ASP A 213 -0.43 -7.87 16.33
N TRP A 214 -0.99 -8.87 15.66
CA TRP A 214 -1.65 -9.95 16.36
C TRP A 214 -0.63 -10.99 16.81
N THR A 215 0.18 -11.47 15.87
CA THR A 215 1.20 -12.45 16.20
C THR A 215 2.21 -11.83 17.18
N SER A 216 2.30 -10.52 17.14
CA SER A 216 3.20 -9.80 18.04
C SER A 216 2.65 -9.97 19.46
N PHE A 217 1.42 -9.50 19.61
CA PHE A 217 0.66 -9.49 20.86
C PHE A 217 0.21 -10.85 21.36
N ASN A 218 0.86 -11.92 20.91
CA ASN A 218 0.44 -13.25 21.34
C ASN A 218 1.54 -14.27 21.46
N GLN A 219 2.73 -13.92 21.01
CA GLN A 219 3.86 -14.83 21.08
C GLN A 219 3.84 -15.76 22.30
N GLU A 220 3.43 -15.23 23.46
CA GLU A 220 3.38 -16.03 24.67
C GLU A 220 2.88 -17.44 24.38
N ARG A 221 1.68 -17.53 23.82
CA ARG A 221 1.07 -18.83 23.52
C ARG A 221 1.56 -19.55 22.28
N ILE A 222 1.77 -18.82 21.19
CA ILE A 222 2.17 -19.44 19.96
C ILE A 222 3.66 -19.60 19.66
N VAL A 223 4.38 -18.48 19.62
CA VAL A 223 5.81 -18.49 19.31
C VAL A 223 6.57 -19.71 19.82
N ASP A 224 6.11 -20.25 20.94
CA ASP A 224 6.72 -21.38 21.61
C ASP A 224 6.52 -22.76 20.95
N VAL A 225 5.26 -23.19 20.84
CA VAL A 225 4.92 -24.49 20.26
C VAL A 225 5.36 -24.64 18.80
N ALA A 226 6.14 -23.69 18.31
CA ALA A 226 6.64 -23.71 16.94
C ALA A 226 7.94 -24.50 16.81
N GLY A 227 8.04 -25.28 15.74
CA GLY A 227 9.23 -26.08 15.51
C GLY A 227 8.91 -27.16 14.51
N PRO A 228 9.92 -27.93 14.07
CA PRO A 228 9.73 -29.01 13.10
C PRO A 228 8.47 -29.83 13.29
N GLY A 229 7.78 -30.11 12.18
CA GLY A 229 6.56 -30.90 12.26
C GLY A 229 5.34 -30.02 12.36
N GLY A 230 5.43 -28.99 13.19
CA GLY A 230 4.31 -28.07 13.36
C GLY A 230 4.69 -26.60 13.33
N TRP A 231 4.01 -25.81 12.52
CA TRP A 231 4.32 -24.39 12.41
C TRP A 231 3.14 -23.45 12.57
N ASN A 232 3.45 -22.21 12.94
CA ASN A 232 2.41 -21.19 13.06
C ASN A 232 2.25 -20.63 11.65
N ASP A 233 1.02 -20.61 11.16
CA ASP A 233 0.75 -20.15 9.80
C ASP A 233 -0.16 -18.90 9.67
N PRO A 234 0.46 -17.75 9.32
CA PRO A 234 -0.10 -16.39 9.11
C PRO A 234 -1.11 -16.34 7.99
N ASP A 235 -0.65 -16.83 6.83
CA ASP A 235 -1.41 -16.94 5.58
C ASP A 235 -0.54 -16.77 4.37
N MET A 236 -1.17 -16.83 3.21
CA MET A 236 -0.47 -16.72 1.95
C MET A 236 0.38 -15.46 1.82
N LEU A 237 1.29 -15.50 0.85
CA LEU A 237 2.17 -14.39 0.54
C LEU A 237 1.52 -13.67 -0.63
N VAL A 238 1.06 -12.44 -0.39
CA VAL A 238 0.39 -11.66 -1.43
C VAL A 238 1.36 -10.81 -2.22
N ILE A 239 2.64 -11.10 -2.09
CA ILE A 239 3.69 -10.37 -2.81
C ILE A 239 3.59 -10.71 -4.31
N GLY A 240 3.57 -9.69 -5.17
CA GLY A 240 3.48 -9.94 -6.60
C GLY A 240 2.14 -9.52 -7.16
N ASN A 241 1.26 -9.09 -6.26
CA ASN A 241 -0.06 -8.63 -6.63
C ASN A 241 -0.01 -7.14 -6.79
N PHE A 242 -0.99 -6.44 -6.22
CA PHE A 242 -1.07 -4.98 -6.37
C PHE A 242 -1.26 -4.16 -5.10
N GLY A 243 -1.86 -4.76 -4.07
CA GLY A 243 -2.13 -4.05 -2.84
C GLY A 243 -0.93 -3.57 -2.06
N LEU A 244 0.23 -4.16 -2.30
CA LEU A 244 1.42 -3.77 -1.57
C LEU A 244 2.44 -2.94 -2.32
N SER A 245 2.98 -1.98 -1.58
CA SER A 245 4.01 -1.09 -2.09
C SER A 245 5.24 -1.96 -2.16
N TRP A 246 6.33 -1.42 -2.67
CA TRP A 246 7.52 -2.22 -2.71
C TRP A 246 7.89 -2.49 -1.27
N ASN A 247 8.33 -1.45 -0.58
CA ASN A 247 8.74 -1.62 0.81
C ASN A 247 7.75 -2.37 1.69
N GLN A 248 6.50 -2.51 1.23
CA GLN A 248 5.53 -3.27 2.00
C GLN A 248 5.74 -4.76 1.71
N GLN A 249 6.13 -5.09 0.49
CA GLN A 249 6.33 -6.48 0.11
C GLN A 249 7.52 -7.06 0.82
N VAL A 250 8.66 -6.38 0.76
CA VAL A 250 9.86 -6.93 1.44
C VAL A 250 9.50 -7.24 2.87
N THR A 251 8.70 -6.37 3.47
CA THR A 251 8.27 -6.55 4.85
C THR A 251 7.64 -7.93 5.06
N GLN A 252 6.56 -8.22 4.36
CA GLN A 252 5.90 -9.51 4.53
C GLN A 252 6.91 -10.62 4.39
N MET A 253 7.62 -10.61 3.27
CA MET A 253 8.61 -11.65 3.03
C MET A 253 9.60 -11.73 4.18
N ALA A 254 10.18 -10.59 4.54
CA ALA A 254 11.16 -10.57 5.63
C ALA A 254 10.58 -11.17 6.89
N LEU A 255 9.38 -10.73 7.26
CA LEU A 255 8.79 -11.24 8.47
C LEU A 255 8.26 -12.68 8.43
N TRP A 256 7.75 -13.15 7.29
CA TRP A 256 7.30 -14.55 7.26
C TRP A 256 8.53 -15.41 7.53
N ALA A 257 9.68 -14.95 7.05
CA ALA A 257 10.93 -15.64 7.26
C ALA A 257 11.27 -15.66 8.75
N ILE A 258 11.06 -14.53 9.42
CA ILE A 258 11.34 -14.44 10.85
C ILE A 258 10.42 -15.35 11.64
N MET A 259 9.17 -15.45 11.19
CA MET A 259 8.17 -16.27 11.88
C MET A 259 8.02 -17.70 11.35
N ALA A 260 9.12 -18.32 10.93
CA ALA A 260 9.07 -19.68 10.40
C ALA A 260 7.61 -19.97 10.06
N ALA A 261 7.13 -19.28 9.04
CA ALA A 261 5.75 -19.44 8.61
C ALA A 261 5.71 -20.18 7.29
N PRO A 262 4.61 -20.90 7.03
CA PRO A 262 4.58 -21.61 5.76
C PRO A 262 4.59 -20.56 4.63
N LEU A 263 5.33 -20.84 3.57
CA LEU A 263 5.41 -19.92 2.44
C LEU A 263 4.49 -20.33 1.31
N PHE A 264 3.34 -19.66 1.22
CA PHE A 264 2.41 -19.95 0.16
C PHE A 264 2.04 -18.70 -0.59
N MET A 265 2.42 -18.65 -1.85
CA MET A 265 2.11 -17.49 -2.65
C MET A 265 0.66 -17.62 -3.06
N SER A 266 0.09 -16.49 -3.47
CA SER A 266 -1.27 -16.43 -3.94
C SER A 266 -1.15 -15.32 -4.95
N ASN A 267 -0.57 -15.65 -6.09
CA ASN A 267 -0.37 -14.68 -7.14
C ASN A 267 -0.44 -15.41 -8.47
N ASP A 268 -0.57 -14.66 -9.54
CA ASP A 268 -0.62 -15.25 -10.86
C ASP A 268 0.84 -15.25 -11.35
N LEU A 269 1.49 -16.41 -11.29
CA LEU A 269 2.88 -16.56 -11.71
C LEU A 269 3.09 -16.31 -13.22
N ARG A 270 2.00 -16.19 -13.97
CA ARG A 270 2.09 -15.95 -15.41
C ARG A 270 2.46 -14.50 -15.60
N HIS A 271 1.79 -13.65 -14.84
CA HIS A 271 2.03 -12.21 -14.93
C HIS A 271 2.47 -11.71 -13.57
N ILE A 272 3.77 -11.76 -13.35
CA ILE A 272 4.37 -11.33 -12.10
C ILE A 272 5.62 -10.53 -12.38
N SER A 273 5.76 -9.41 -11.69
CA SER A 273 6.91 -8.53 -11.84
C SER A 273 8.24 -9.26 -11.71
N PRO A 274 9.27 -8.82 -12.43
CA PRO A 274 10.57 -9.49 -12.33
C PRO A 274 11.13 -9.14 -10.99
N GLN A 275 10.95 -7.87 -10.63
CA GLN A 275 11.42 -7.34 -9.35
C GLN A 275 10.81 -8.14 -8.22
N ALA A 276 9.56 -8.56 -8.38
CA ALA A 276 8.87 -9.33 -7.37
C ALA A 276 9.49 -10.72 -7.30
N LYS A 277 9.33 -11.48 -8.37
CA LYS A 277 9.88 -12.84 -8.46
C LYS A 277 11.28 -12.94 -7.87
N ALA A 278 12.06 -11.87 -7.99
CA ALA A 278 13.42 -11.83 -7.48
C ALA A 278 13.37 -12.01 -5.98
N LEU A 279 12.59 -11.17 -5.33
CA LEU A 279 12.43 -11.22 -3.89
C LEU A 279 11.89 -12.59 -3.49
N LEU A 280 10.72 -12.94 -4.00
CA LEU A 280 10.10 -14.22 -3.69
C LEU A 280 11.07 -15.42 -3.70
N GLN A 281 12.09 -15.33 -4.55
CA GLN A 281 13.07 -16.40 -4.70
C GLN A 281 14.44 -16.17 -4.06
N ASP A 282 14.64 -15.04 -3.39
CA ASP A 282 15.94 -14.76 -2.76
C ASP A 282 16.46 -15.93 -1.93
N LYS A 283 17.46 -16.61 -2.47
CA LYS A 283 18.07 -17.78 -1.83
C LYS A 283 18.41 -17.61 -0.37
N ASP A 284 18.99 -16.46 -0.02
CA ASP A 284 19.39 -16.18 1.35
C ASP A 284 18.23 -15.98 2.32
N VAL A 285 17.12 -15.47 1.82
CA VAL A 285 15.97 -15.24 2.68
C VAL A 285 15.18 -16.53 2.85
N ILE A 286 15.02 -17.28 1.76
CA ILE A 286 14.30 -18.55 1.83
C ILE A 286 15.02 -19.43 2.83
N ALA A 287 16.36 -19.37 2.78
CA ALA A 287 17.22 -20.14 3.67
C ALA A 287 16.86 -19.84 5.11
N ILE A 288 16.79 -18.56 5.45
CA ILE A 288 16.43 -18.20 6.81
C ILE A 288 15.10 -18.84 7.21
N ASN A 289 14.04 -18.59 6.44
CA ASN A 289 12.74 -19.16 6.72
C ASN A 289 12.78 -20.70 6.76
N GLN A 290 13.64 -21.28 5.92
CA GLN A 290 13.80 -22.74 5.82
C GLN A 290 14.83 -23.31 6.81
N ASP A 291 15.24 -22.48 7.76
CA ASP A 291 16.21 -22.89 8.77
C ASP A 291 15.80 -24.26 9.30
N PRO A 292 16.75 -25.19 9.38
CA PRO A 292 16.53 -26.56 9.85
C PRO A 292 16.14 -26.61 11.30
N LEU A 293 16.67 -25.65 12.04
CA LEU A 293 16.43 -25.58 13.47
C LEU A 293 14.94 -25.58 13.79
N GLY A 294 14.21 -24.63 13.20
CA GLY A 294 12.78 -24.55 13.44
C GLY A 294 12.41 -23.75 14.67
N LYS A 295 13.17 -22.69 14.91
CA LYS A 295 12.92 -21.82 16.06
C LYS A 295 12.25 -20.55 15.59
N GLN A 296 10.95 -20.41 15.84
CA GLN A 296 10.21 -19.24 15.38
C GLN A 296 10.67 -17.94 16.01
N GLY A 297 10.75 -16.89 15.19
CA GLY A 297 11.20 -15.59 15.66
C GLY A 297 10.16 -14.93 16.53
N TYR A 298 10.40 -13.67 16.87
CA TYR A 298 9.49 -12.91 17.71
C TYR A 298 9.88 -11.45 17.80
N GLN A 299 8.93 -10.62 18.18
CA GLN A 299 9.19 -9.20 18.34
C GLN A 299 10.01 -9.01 19.59
N LEU A 300 11.07 -8.23 19.50
CA LEU A 300 11.89 -7.98 20.65
C LEU A 300 11.47 -6.66 21.27
N ARG A 301 11.53 -5.60 20.46
CA ARG A 301 11.18 -4.27 20.91
C ARG A 301 9.93 -3.63 20.30
N GLN A 302 9.47 -2.58 20.97
CA GLN A 302 8.31 -1.82 20.57
C GLN A 302 8.74 -0.39 20.70
N GLY A 303 7.80 0.53 20.57
CA GLY A 303 8.12 1.94 20.71
C GLY A 303 8.65 2.73 19.53
N ASP A 304 8.44 4.04 19.61
CA ASP A 304 8.87 4.99 18.58
C ASP A 304 8.65 4.44 17.18
N ASN A 305 7.39 4.15 16.85
CA ASN A 305 7.04 3.61 15.56
C ASN A 305 8.15 2.75 15.01
N PHE A 306 8.54 1.75 15.78
CA PHE A 306 9.62 0.87 15.40
C PHE A 306 9.40 -0.49 16.01
N GLU A 307 9.61 -1.54 15.22
CA GLU A 307 9.44 -2.89 15.70
C GLU A 307 10.71 -3.66 15.43
N VAL A 308 11.22 -4.38 16.42
CA VAL A 308 12.43 -5.16 16.19
C VAL A 308 12.16 -6.64 16.36
N TRP A 309 12.22 -7.38 15.26
CA TRP A 309 12.00 -8.82 15.32
C TRP A 309 13.31 -9.60 15.20
N GLU A 310 13.30 -10.86 15.61
CA GLU A 310 14.49 -11.70 15.54
C GLU A 310 14.17 -13.19 15.74
N ARG A 311 14.91 -14.02 15.02
CA ARG A 311 14.73 -15.45 15.09
C ARG A 311 16.11 -16.10 15.22
N PRO A 312 16.29 -17.02 16.17
CA PRO A 312 17.61 -17.62 16.25
C PRO A 312 17.65 -18.68 15.15
N LEU A 313 18.80 -18.83 14.50
CA LEU A 313 18.93 -19.80 13.42
C LEU A 313 19.82 -20.96 13.92
N SER A 314 20.57 -21.57 13.02
CA SER A 314 21.45 -22.67 13.40
C SER A 314 22.86 -22.11 13.39
N GLY A 315 23.76 -22.75 14.12
CA GLY A 315 25.14 -22.30 14.17
C GLY A 315 25.40 -20.94 14.78
N LEU A 316 24.69 -20.63 15.86
CA LEU A 316 24.87 -19.35 16.55
C LEU A 316 24.58 -18.14 15.68
N ALA A 317 23.87 -18.36 14.58
CA ALA A 317 23.52 -17.30 13.66
C ALA A 317 22.12 -16.82 13.98
N TRP A 318 21.91 -15.52 13.88
CA TRP A 318 20.60 -14.95 14.17
C TRP A 318 20.09 -14.04 13.07
N ALA A 319 18.78 -14.09 12.84
CA ALA A 319 18.13 -13.25 11.84
C ALA A 319 17.43 -12.13 12.59
N VAL A 320 17.47 -10.91 12.05
CA VAL A 320 16.83 -9.77 12.72
C VAL A 320 16.06 -8.87 11.76
N ALA A 321 14.88 -8.44 12.21
CA ALA A 321 14.01 -7.58 11.40
C ALA A 321 13.91 -6.16 11.99
N MET A 322 13.73 -5.20 11.09
CA MET A 322 13.61 -3.80 11.47
C MET A 322 12.51 -3.14 10.64
N ILE A 323 11.31 -3.04 11.23
CA ILE A 323 10.14 -2.46 10.59
C ILE A 323 9.90 -1.02 11.01
N ASN A 324 9.74 -0.14 10.02
CA ASN A 324 9.47 1.25 10.31
C ASN A 324 7.96 1.44 10.17
N ARG A 325 7.25 1.33 11.29
CA ARG A 325 5.82 1.48 11.27
C ARG A 325 5.34 2.91 11.12
N GLN A 326 6.19 3.80 10.61
CA GLN A 326 5.80 5.20 10.45
C GLN A 326 5.29 5.55 9.05
N GLU A 327 3.98 5.41 8.86
CA GLU A 327 3.31 5.64 7.58
C GLU A 327 3.64 6.92 6.80
N ILE A 328 4.15 7.94 7.47
CA ILE A 328 4.46 9.21 6.81
C ILE A 328 5.91 9.69 6.96
N GLY A 329 6.31 10.64 6.13
CA GLY A 329 7.66 11.15 6.18
C GLY A 329 8.61 10.44 5.23
N GLY A 330 9.80 10.11 5.73
CA GLY A 330 10.78 9.43 4.90
C GLY A 330 11.45 8.32 5.66
N PRO A 331 12.67 7.91 5.26
CA PRO A 331 13.41 6.83 5.93
C PRO A 331 14.02 7.36 7.22
N ARG A 332 13.62 6.76 8.33
CA ARG A 332 14.14 7.19 9.61
C ARG A 332 15.35 6.33 9.91
N SER A 333 16.03 6.58 11.01
CA SER A 333 17.19 5.76 11.34
C SER A 333 17.03 5.18 12.73
N TYR A 334 17.34 3.89 12.85
CA TYR A 334 17.25 3.22 14.13
C TYR A 334 18.62 2.68 14.49
N THR A 335 18.95 2.79 15.79
CA THR A 335 20.23 2.34 16.30
C THR A 335 20.04 1.53 17.59
N ILE A 336 20.69 0.37 17.68
CA ILE A 336 20.59 -0.46 18.89
C ILE A 336 21.91 -1.03 19.36
N ALA A 337 21.92 -1.54 20.60
CA ALA A 337 23.11 -2.12 21.18
C ALA A 337 23.33 -3.54 20.66
N VAL A 338 24.22 -3.65 19.67
CA VAL A 338 24.59 -4.92 19.08
C VAL A 338 24.51 -6.04 20.12
N ALA A 339 25.04 -5.73 21.30
CA ALA A 339 25.06 -6.68 22.41
C ALA A 339 23.66 -7.16 22.78
N SER A 340 22.87 -6.27 23.37
CA SER A 340 21.52 -6.62 23.80
C SER A 340 20.63 -6.99 22.63
N LEU A 341 21.15 -7.78 21.69
CA LEU A 341 20.39 -8.19 20.53
C LEU A 341 20.08 -9.69 20.57
N GLY A 342 21.01 -10.49 20.07
CA GLY A 342 20.83 -11.93 20.06
C GLY A 342 20.83 -12.47 21.47
N LYS A 343 19.87 -12.00 22.26
CA LYS A 343 19.73 -12.40 23.66
C LYS A 343 21.06 -12.24 24.36
N GLY A 344 21.96 -11.44 23.77
CA GLY A 344 23.26 -11.22 24.36
C GLY A 344 24.33 -12.11 23.77
N VAL A 345 23.93 -13.30 23.30
CA VAL A 345 24.85 -14.26 22.70
C VAL A 345 25.47 -13.80 21.39
N ALA A 346 24.70 -13.91 20.30
CA ALA A 346 25.19 -13.48 18.99
C ALA A 346 25.78 -12.10 19.13
N CYS A 347 27.07 -12.01 18.84
CA CYS A 347 27.87 -10.78 18.93
C CYS A 347 28.88 -10.81 20.06
N ASN A 348 28.84 -11.89 20.86
CA ASN A 348 29.80 -12.03 21.95
C ASN A 348 30.90 -12.95 21.48
N PRO A 349 32.07 -12.38 21.18
CA PRO A 349 32.35 -10.95 21.29
C PRO A 349 32.21 -10.36 19.89
N ALA A 350 32.46 -11.20 18.88
CA ALA A 350 32.36 -10.79 17.50
C ALA A 350 31.10 -11.22 16.80
N CYS A 351 30.71 -10.37 15.84
CA CYS A 351 29.50 -10.52 15.03
C CYS A 351 29.78 -10.12 13.57
N PHE A 352 29.27 -10.89 12.61
CA PHE A 352 29.42 -10.49 11.21
C PHE A 352 28.01 -10.34 10.66
N ILE A 353 27.62 -9.10 10.39
CA ILE A 353 26.28 -8.80 9.90
C ILE A 353 26.26 -8.43 8.43
N THR A 354 25.47 -9.16 7.66
CA THR A 354 25.39 -8.85 6.25
C THR A 354 23.94 -8.49 5.96
N GLN A 355 23.68 -7.23 5.64
CA GLN A 355 22.31 -6.84 5.37
C GLN A 355 21.85 -7.80 4.31
N LEU A 356 20.74 -8.47 4.55
CA LEU A 356 20.24 -9.44 3.59
C LEU A 356 19.05 -8.88 2.88
N LEU A 357 18.64 -7.68 3.30
CA LEU A 357 17.48 -6.98 2.73
C LEU A 357 17.41 -5.56 3.28
N PRO A 358 16.85 -4.64 2.50
CA PRO A 358 16.34 -4.87 1.15
C PRO A 358 17.42 -4.84 0.06
N VAL A 359 18.69 -4.98 0.44
CA VAL A 359 19.76 -4.91 -0.56
C VAL A 359 21.01 -5.78 -0.35
N LYS A 360 20.87 -6.80 0.48
CA LYS A 360 21.99 -7.70 0.71
C LYS A 360 23.36 -7.01 0.56
N ARG A 361 23.73 -6.24 1.57
CA ARG A 361 25.01 -5.53 1.59
C ARG A 361 25.87 -6.19 2.66
N LYS A 362 27.19 -6.04 2.54
CA LYS A 362 28.12 -6.64 3.48
C LYS A 362 28.63 -5.67 4.54
N LEU A 363 27.93 -5.60 5.66
CA LEU A 363 28.35 -4.70 6.73
C LEU A 363 29.56 -5.35 7.37
N GLY A 364 30.37 -4.58 8.09
CA GLY A 364 31.55 -5.14 8.72
C GLY A 364 31.34 -6.03 9.94
N PHE A 365 32.34 -6.08 10.80
CA PHE A 365 32.27 -6.88 12.03
C PHE A 365 31.73 -6.01 13.15
N TYR A 366 31.05 -6.61 14.12
CA TYR A 366 30.50 -5.86 15.25
C TYR A 366 30.92 -6.43 16.60
N GLU A 367 31.51 -5.57 17.43
CA GLU A 367 31.94 -5.96 18.76
C GLU A 367 30.77 -5.89 19.72
N TRP A 368 30.86 -6.65 20.80
CA TRP A 368 29.80 -6.69 21.80
C TRP A 368 29.45 -5.26 22.26
N THR A 369 30.41 -4.35 22.15
CA THR A 369 30.16 -2.97 22.54
C THR A 369 29.70 -2.18 21.33
N SER A 370 29.99 -2.69 20.14
CA SER A 370 29.59 -2.02 18.91
C SER A 370 28.09 -1.75 18.95
N ARG A 371 27.70 -0.59 18.44
CA ARG A 371 26.31 -0.19 18.41
C ARG A 371 25.91 -0.15 16.93
N LEU A 372 24.81 -0.82 16.59
CA LEU A 372 24.38 -0.86 15.19
C LEU A 372 23.36 0.20 14.75
N ARG A 373 23.66 0.87 13.64
CA ARG A 373 22.77 1.91 13.13
C ARG A 373 22.36 1.65 11.71
N SER A 374 21.10 1.95 11.40
CA SER A 374 20.61 1.76 10.06
C SER A 374 19.31 2.54 9.84
N HIS A 375 19.07 2.95 8.60
CA HIS A 375 17.87 3.69 8.23
C HIS A 375 16.84 2.73 7.63
N ILE A 376 15.57 2.97 7.92
CA ILE A 376 14.49 2.10 7.45
C ILE A 376 13.38 2.91 6.80
N ASN A 377 12.98 2.51 5.60
CA ASN A 377 11.91 3.23 4.87
C ASN A 377 10.53 3.01 5.49
N PRO A 378 9.61 3.99 5.32
CA PRO A 378 8.25 3.88 5.86
C PRO A 378 7.55 2.61 5.38
N THR A 379 6.96 1.87 6.32
CA THR A 379 6.27 0.61 6.04
C THR A 379 7.21 -0.45 5.48
N GLY A 380 8.50 -0.13 5.44
CA GLY A 380 9.50 -1.06 4.93
C GLY A 380 10.14 -1.88 6.05
N THR A 381 11.15 -2.68 5.68
CA THR A 381 11.83 -3.53 6.65
C THR A 381 13.27 -3.83 6.24
N VAL A 382 14.20 -3.77 7.21
CA VAL A 382 15.60 -4.09 6.95
C VAL A 382 15.90 -5.40 7.65
N LEU A 383 16.17 -6.42 6.85
CA LEU A 383 16.46 -7.76 7.36
C LEU A 383 17.96 -7.98 7.47
N LEU A 384 18.42 -8.40 8.64
CA LEU A 384 19.84 -8.65 8.86
C LEU A 384 20.10 -10.05 9.27
N GLN A 385 21.33 -10.48 9.06
CA GLN A 385 21.76 -11.82 9.46
C GLN A 385 23.12 -11.74 10.13
N LEU A 386 23.16 -12.20 11.38
CA LEU A 386 24.37 -12.16 12.17
C LEU A 386 25.05 -13.50 12.37
N GLU A 387 26.37 -13.45 12.23
CA GLU A 387 27.28 -14.58 12.38
C GLU A 387 28.21 -14.29 13.57
N ASN A 388 28.40 -15.28 14.43
CA ASN A 388 29.26 -15.11 15.58
C ASN A 388 30.68 -15.63 15.26
N THR A 389 31.73 -14.87 15.62
CA THR A 389 33.11 -15.27 15.33
C THR A 389 33.55 -16.64 15.86
N MET A 390 32.75 -17.22 16.76
CA MET A 390 33.05 -18.53 17.34
C MET A 390 34.53 -18.69 17.67
N LEU B 1 -9.87 33.39 -5.33
CA LEU B 1 -9.38 34.81 -5.29
C LEU B 1 -9.02 35.26 -6.70
N ASP B 2 -9.76 36.24 -7.19
CA ASP B 2 -9.52 36.75 -8.55
C ASP B 2 -8.36 37.73 -8.60
N ASN B 3 -7.15 37.20 -8.61
CA ASN B 3 -5.93 37.99 -8.67
C ASN B 3 -5.23 37.64 -9.97
N GLY B 4 -5.98 36.97 -10.84
CA GLY B 4 -5.43 36.56 -12.12
C GLY B 4 -4.41 35.45 -11.92
N LEU B 5 -4.48 34.79 -10.76
CA LEU B 5 -3.55 33.71 -10.46
C LEU B 5 -4.29 32.41 -10.26
N ALA B 6 -3.60 31.31 -10.56
CA ALA B 6 -4.21 30.02 -10.42
C ALA B 6 -5.46 30.01 -11.28
N ARG B 7 -5.27 30.31 -12.58
CA ARG B 7 -6.38 30.28 -13.51
C ARG B 7 -6.40 28.84 -13.97
N THR B 8 -5.57 28.07 -13.29
CA THR B 8 -5.41 26.63 -13.51
C THR B 8 -4.85 26.06 -12.20
N PRO B 9 -5.22 24.82 -11.85
CA PRO B 9 -4.69 24.25 -10.61
C PRO B 9 -3.17 24.46 -10.52
N THR B 10 -2.71 25.07 -9.44
CA THR B 10 -1.29 25.34 -9.23
C THR B 10 -0.48 24.04 -9.27
N MET B 11 0.69 24.07 -9.88
CA MET B 11 1.55 22.88 -9.94
C MET B 11 2.92 23.16 -9.31
N GLY B 12 3.32 22.29 -8.38
CA GLY B 12 4.60 22.46 -7.73
C GLY B 12 5.01 21.34 -6.80
N TRP B 13 5.91 21.64 -5.86
CA TRP B 13 6.43 20.68 -4.90
C TRP B 13 6.38 21.29 -3.51
N LEU B 14 6.10 20.47 -2.52
CA LEU B 14 6.02 20.94 -1.16
C LEU B 14 6.68 19.89 -0.29
N HIS B 15 7.70 20.32 0.44
CA HIS B 15 8.47 19.45 1.28
C HIS B 15 7.75 18.72 2.38
N TRP B 16 6.61 19.22 2.83
CA TRP B 16 5.97 18.56 3.98
C TRP B 16 5.96 17.03 4.12
N GLU B 17 5.01 16.35 3.47
CA GLU B 17 4.90 14.89 3.61
C GLU B 17 6.21 14.11 3.54
N ARG B 18 7.07 14.47 2.60
CA ARG B 18 8.32 13.74 2.41
C ARG B 18 9.44 14.04 3.39
N PHE B 19 9.39 15.21 4.02
CA PHE B 19 10.43 15.60 4.94
C PHE B 19 9.96 16.13 6.27
N MET B 20 8.64 16.29 6.41
CA MET B 20 8.06 16.81 7.64
C MET B 20 8.91 17.91 8.27
N CYS B 21 9.01 17.89 9.59
CA CYS B 21 9.76 18.88 10.32
C CYS B 21 11.06 18.32 10.85
N ASN B 22 11.98 18.00 9.95
CA ASN B 22 13.27 17.44 10.31
C ASN B 22 14.30 18.53 10.54
N LEU B 23 14.95 18.51 11.71
CA LEU B 23 15.95 19.53 12.03
C LEU B 23 17.35 19.04 12.37
N ASP B 24 17.49 17.73 12.59
CA ASP B 24 18.78 17.15 12.95
C ASP B 24 19.75 17.11 11.77
N CYS B 25 20.34 18.26 11.46
CA CYS B 25 21.28 18.34 10.35
C CYS B 25 22.63 17.82 10.76
N GLN B 26 22.67 17.20 11.95
CA GLN B 26 23.89 16.63 12.50
C GLN B 26 23.94 15.15 12.10
N GLU B 27 22.91 14.41 12.48
CA GLU B 27 22.86 12.99 12.18
C GLU B 27 21.82 12.64 11.13
N GLU B 28 21.16 13.64 10.57
CA GLU B 28 20.16 13.39 9.53
C GLU B 28 20.14 14.61 8.63
N PRO B 29 21.26 14.88 7.94
CA PRO B 29 21.40 16.04 7.05
C PRO B 29 20.64 16.02 5.72
N ASP B 30 20.38 14.82 5.20
CA ASP B 30 19.68 14.73 3.92
C ASP B 30 18.20 15.03 4.06
N SER B 31 17.59 14.68 5.19
CA SER B 31 16.17 14.94 5.42
C SER B 31 16.02 16.33 6.04
N CYS B 32 17.12 16.84 6.58
CA CYS B 32 17.15 18.12 7.23
C CYS B 32 16.63 19.26 6.37
N ILE B 33 15.74 20.07 6.96
CA ILE B 33 15.13 21.20 6.27
C ILE B 33 16.09 22.41 6.21
N SER B 34 16.79 22.58 5.09
CA SER B 34 17.73 23.69 4.95
C SER B 34 17.76 24.26 3.55
N GLU B 35 18.23 25.49 3.42
CA GLU B 35 18.33 26.15 2.12
C GLU B 35 19.15 25.28 1.19
N LYS B 36 20.12 24.58 1.75
CA LYS B 36 20.94 23.70 0.93
C LYS B 36 20.05 22.70 0.20
N LEU B 37 19.12 22.09 0.94
CA LEU B 37 18.20 21.11 0.37
C LEU B 37 17.36 21.66 -0.79
N PHE B 38 16.66 22.75 -0.54
CA PHE B 38 15.81 23.37 -1.55
C PHE B 38 16.59 23.69 -2.84
N MET B 39 17.85 24.12 -2.67
CA MET B 39 18.72 24.45 -3.79
C MET B 39 18.88 23.20 -4.64
N GLU B 40 19.09 22.09 -3.97
CA GLU B 40 19.26 20.86 -4.70
C GLU B 40 17.98 20.65 -5.47
N MET B 41 16.89 20.46 -4.74
CA MET B 41 15.59 20.24 -5.37
C MET B 41 15.40 21.15 -6.55
N ALA B 42 15.49 22.46 -6.33
CA ALA B 42 15.32 23.42 -7.41
C ALA B 42 16.04 22.93 -8.67
N GLU B 43 17.35 22.76 -8.54
CA GLU B 43 18.20 22.32 -9.64
C GLU B 43 17.52 21.21 -10.44
N LEU B 44 17.18 20.14 -9.73
CA LEU B 44 16.54 18.97 -10.31
C LEU B 44 15.26 19.22 -11.10
N MET B 45 14.26 19.81 -10.47
CA MET B 45 13.00 20.07 -11.16
C MET B 45 13.29 20.46 -12.60
N VAL B 46 14.35 21.24 -12.77
CA VAL B 46 14.80 21.72 -14.08
C VAL B 46 15.48 20.58 -14.85
N SER B 47 16.35 19.86 -14.16
CA SER B 47 17.11 18.75 -14.72
C SER B 47 16.27 17.68 -15.39
N GLU B 48 15.67 16.78 -14.61
CA GLU B 48 14.85 15.73 -15.17
C GLU B 48 13.54 16.21 -15.76
N GLY B 49 13.57 17.43 -16.25
CA GLY B 49 12.39 18.01 -16.89
C GLY B 49 11.07 18.04 -16.17
N TRP B 50 11.09 18.40 -14.88
CA TRP B 50 9.85 18.50 -14.12
C TRP B 50 9.19 19.81 -14.53
N LYS B 51 10.00 20.86 -14.58
CA LYS B 51 9.51 22.17 -14.97
C LYS B 51 8.77 22.06 -16.28
N ASP B 52 9.41 21.45 -17.27
CA ASP B 52 8.84 21.26 -18.60
C ASP B 52 7.44 20.63 -18.56
N ALA B 53 7.24 19.70 -17.64
CA ALA B 53 5.96 19.02 -17.51
C ALA B 53 4.88 19.86 -16.88
N GLY B 54 5.28 20.89 -16.13
CA GLY B 54 4.28 21.73 -15.50
C GLY B 54 4.59 22.23 -14.10
N TYR B 55 5.19 21.38 -13.26
CA TYR B 55 5.50 21.77 -11.90
C TYR B 55 6.41 22.98 -12.01
N GLU B 56 5.98 24.08 -11.43
CA GLU B 56 6.75 25.31 -11.51
C GLU B 56 6.90 26.01 -10.18
N TYR B 57 6.25 25.45 -9.17
CA TYR B 57 6.33 26.03 -7.83
C TYR B 57 7.05 25.15 -6.82
N LEU B 58 8.11 25.68 -6.22
CA LEU B 58 8.88 24.94 -5.22
C LEU B 58 8.52 25.64 -3.91
N CYS B 59 7.92 24.92 -2.97
CA CYS B 59 7.50 25.54 -1.72
C CYS B 59 7.98 24.95 -0.42
N ILE B 60 8.23 25.87 0.52
CA ILE B 60 8.70 25.53 1.85
C ILE B 60 7.50 25.46 2.77
N ASP B 61 7.50 24.45 3.64
CA ASP B 61 6.42 24.28 4.58
C ASP B 61 6.99 24.65 5.95
N ASP B 62 6.20 24.41 7.00
CA ASP B 62 6.59 24.72 8.37
C ASP B 62 8.02 24.33 8.70
N CYS B 63 8.54 24.95 9.76
CA CYS B 63 9.89 24.65 10.24
C CYS B 63 11.04 25.25 9.44
N TRP B 64 10.75 26.31 8.70
CA TRP B 64 11.78 26.95 7.90
C TRP B 64 12.25 28.20 8.65
N MET B 65 11.46 28.60 9.65
CA MET B 65 11.75 29.79 10.42
C MET B 65 12.56 29.65 11.70
N ALA B 66 13.32 30.70 12.00
CA ALA B 66 14.11 30.73 13.20
C ALA B 66 13.09 30.95 14.30
N PRO B 67 13.47 30.71 15.56
CA PRO B 67 12.65 30.86 16.77
C PRO B 67 11.84 32.13 17.00
N GLN B 68 12.29 33.28 16.51
CA GLN B 68 11.52 34.51 16.68
C GLN B 68 11.98 35.69 15.82
N ARG B 69 11.18 36.74 15.78
CA ARG B 69 11.49 37.92 14.98
C ARG B 69 12.88 38.50 15.28
N ASP B 70 13.20 39.60 14.61
CA ASP B 70 14.46 40.27 14.81
C ASP B 70 14.22 41.63 15.46
N SER B 71 15.27 42.43 15.62
CA SER B 71 15.12 43.75 16.22
C SER B 71 13.97 44.50 15.57
N GLU B 72 14.08 44.74 14.26
CA GLU B 72 13.02 45.44 13.53
C GLU B 72 11.69 44.82 13.94
N GLY B 73 11.59 43.49 13.84
CA GLY B 73 10.36 42.81 14.22
C GLY B 73 9.85 41.84 13.16
N ARG B 74 10.46 41.85 11.99
CA ARG B 74 10.06 40.96 10.90
C ARG B 74 10.46 39.53 11.22
N LEU B 75 10.26 38.62 10.26
CA LEU B 75 10.60 37.21 10.45
C LEU B 75 11.96 36.89 9.88
N GLN B 76 12.63 35.92 10.50
CA GLN B 76 13.95 35.53 10.04
C GLN B 76 14.13 34.03 10.03
N ALA B 77 14.55 33.51 8.88
CA ALA B 77 14.78 32.10 8.72
C ALA B 77 15.81 31.65 9.75
N ASP B 78 15.77 30.38 10.12
CA ASP B 78 16.73 29.85 11.06
C ASP B 78 18.12 30.26 10.59
N PRO B 79 18.89 30.92 11.46
CA PRO B 79 20.24 31.37 11.13
C PRO B 79 21.16 30.29 10.60
N GLN B 80 21.13 29.14 11.27
CA GLN B 80 21.99 28.01 10.91
C GLN B 80 21.60 27.23 9.66
N ARG B 81 20.33 26.84 9.57
CA ARG B 81 19.86 26.07 8.43
C ARG B 81 19.56 26.92 7.20
N PHE B 82 19.48 28.22 7.40
CA PHE B 82 19.23 29.16 6.30
C PHE B 82 20.15 30.37 6.46
N PRO B 83 21.48 30.15 6.39
CA PRO B 83 22.45 31.24 6.52
C PRO B 83 22.22 32.43 5.60
N HIS B 84 21.77 32.18 4.38
CA HIS B 84 21.54 33.26 3.44
C HIS B 84 20.10 33.80 3.44
N GLY B 85 19.55 34.00 4.63
CA GLY B 85 18.19 34.49 4.73
C GLY B 85 17.35 33.80 3.67
N ILE B 86 16.44 34.51 3.03
CA ILE B 86 15.62 33.91 1.99
C ILE B 86 16.00 34.52 0.64
N ARG B 87 15.55 35.75 0.43
CA ARG B 87 15.83 36.49 -0.79
C ARG B 87 16.77 35.83 -1.79
N GLN B 88 18.04 35.65 -1.38
CA GLN B 88 19.07 35.04 -2.21
C GLN B 88 18.68 33.70 -2.79
N LEU B 89 18.09 32.87 -1.93
CA LEU B 89 17.64 31.55 -2.33
C LEU B 89 16.57 31.73 -3.40
N ALA B 90 15.71 32.72 -3.22
CA ALA B 90 14.65 33.01 -4.16
C ALA B 90 15.26 33.40 -5.51
N ASN B 91 16.44 34.00 -5.47
CA ASN B 91 17.13 34.40 -6.70
C ASN B 91 17.60 33.16 -7.43
N TYR B 92 18.07 32.18 -6.67
CA TYR B 92 18.53 30.93 -7.26
C TYR B 92 17.32 30.18 -7.78
N VAL B 93 16.21 30.28 -7.04
CA VAL B 93 14.97 29.63 -7.43
C VAL B 93 14.48 30.33 -8.69
N HIS B 94 14.43 31.65 -8.64
CA HIS B 94 14.00 32.46 -9.77
C HIS B 94 14.93 32.28 -10.95
N SER B 95 16.22 32.11 -10.67
CA SER B 95 17.24 31.91 -11.69
C SER B 95 16.87 30.69 -12.52
N LYS B 96 16.63 29.57 -11.85
CA LYS B 96 16.26 28.32 -12.52
C LYS B 96 14.93 28.47 -13.27
N GLY B 97 14.29 29.64 -13.11
CA GLY B 97 13.02 29.87 -13.77
C GLY B 97 11.81 29.43 -12.97
N LEU B 98 12.04 29.04 -11.72
CA LEU B 98 10.95 28.59 -10.86
C LEU B 98 10.44 29.68 -9.94
N LYS B 99 9.35 29.36 -9.24
CA LYS B 99 8.74 30.29 -8.31
C LYS B 99 8.77 29.66 -6.92
N LEU B 100 9.10 30.48 -5.93
CA LEU B 100 9.20 30.02 -4.55
C LEU B 100 7.95 30.27 -3.70
N GLY B 101 7.74 29.38 -2.74
CA GLY B 101 6.60 29.48 -1.85
C GLY B 101 7.02 29.25 -0.41
N ILE B 102 6.44 30.01 0.50
CA ILE B 102 6.78 29.88 1.90
C ILE B 102 5.57 29.57 2.75
N TYR B 103 5.80 28.98 3.91
CA TYR B 103 4.75 28.61 4.85
C TYR B 103 4.63 29.65 5.96
N ALA B 104 3.43 29.87 6.47
CA ALA B 104 3.21 30.83 7.54
C ALA B 104 2.00 30.39 8.34
N ASP B 105 1.78 31.01 9.50
CA ASP B 105 0.62 30.63 10.30
C ASP B 105 -0.14 31.82 10.85
N VAL B 106 -1.46 31.78 10.69
CA VAL B 106 -2.36 32.84 11.12
C VAL B 106 -2.37 33.10 12.61
N GLY B 107 -2.26 32.04 13.41
CA GLY B 107 -2.29 32.19 14.85
C GLY B 107 -1.02 32.66 15.53
N ASN B 108 -0.90 32.35 16.82
CA ASN B 108 0.27 32.74 17.57
C ASN B 108 1.46 31.83 17.22
N LYS B 109 1.17 30.66 16.65
CA LYS B 109 2.23 29.71 16.25
C LYS B 109 1.89 28.88 15.01
N THR B 110 2.92 28.39 14.34
CA THR B 110 2.75 27.54 13.16
C THR B 110 2.43 26.21 13.83
N CYS B 111 1.91 25.23 13.10
CA CYS B 111 1.61 23.97 13.76
C CYS B 111 2.90 23.40 14.33
N ALA B 112 4.03 24.00 13.97
CA ALA B 112 5.34 23.54 14.45
C ALA B 112 5.70 24.11 15.82
N GLY B 113 5.17 25.29 16.15
CA GLY B 113 5.47 25.90 17.42
C GLY B 113 6.21 27.18 17.17
N PHE B 114 6.71 27.32 15.95
CA PHE B 114 7.44 28.53 15.59
C PHE B 114 6.56 29.74 15.44
N PRO B 115 7.17 30.92 15.35
CA PRO B 115 6.46 32.19 15.20
C PRO B 115 5.14 32.10 14.47
N GLY B 116 4.16 32.85 14.97
CA GLY B 116 2.85 32.85 14.36
C GLY B 116 2.80 33.88 13.26
N SER B 117 1.93 34.87 13.42
CA SER B 117 1.76 35.94 12.44
C SER B 117 0.67 36.86 12.96
N PHE B 118 0.07 36.47 14.09
CA PHE B 118 -0.99 37.24 14.70
C PHE B 118 -0.56 38.67 14.93
N GLY B 119 -1.29 39.63 14.38
CA GLY B 119 -0.94 41.02 14.54
C GLY B 119 0.43 41.30 13.93
N TYR B 120 0.65 40.81 12.72
CA TYR B 120 1.93 40.99 12.03
C TYR B 120 1.67 40.87 10.54
N TYR B 121 0.50 40.36 10.20
CA TYR B 121 0.08 40.15 8.81
C TYR B 121 0.73 41.14 7.87
N ASP B 122 0.31 42.40 7.96
CA ASP B 122 0.88 43.42 7.10
C ASP B 122 2.41 43.32 7.04
N ILE B 123 3.08 43.43 8.19
CA ILE B 123 4.54 43.35 8.22
C ILE B 123 5.01 42.16 7.42
N ASP B 124 4.66 40.97 7.89
CA ASP B 124 5.04 39.72 7.23
C ASP B 124 4.81 39.80 5.72
N ALA B 125 3.60 40.16 5.31
CA ALA B 125 3.30 40.26 3.89
C ALA B 125 4.43 41.03 3.20
N GLN B 126 4.57 42.30 3.53
CA GLN B 126 5.61 43.12 2.92
C GLN B 126 6.92 42.35 2.95
N THR B 127 7.22 41.76 4.10
CA THR B 127 8.43 40.99 4.24
C THR B 127 8.58 40.06 3.05
N PHE B 128 7.75 39.01 3.01
CA PHE B 128 7.78 38.02 1.92
C PHE B 128 7.81 38.74 0.57
N ALA B 129 6.87 39.67 0.39
CA ALA B 129 6.75 40.44 -0.84
C ALA B 129 8.12 40.96 -1.24
N ASP B 130 8.86 41.44 -0.24
CA ASP B 130 10.19 41.96 -0.46
C ASP B 130 11.13 40.83 -0.83
N TRP B 131 11.13 39.80 0.02
CA TRP B 131 11.97 38.63 -0.15
C TRP B 131 11.92 38.03 -1.55
N GLY B 132 10.84 38.33 -2.26
CA GLY B 132 10.66 37.83 -3.62
C GLY B 132 9.86 36.54 -3.68
N VAL B 133 8.86 36.42 -2.79
CA VAL B 133 8.03 35.22 -2.75
C VAL B 133 6.99 35.20 -3.85
N ASP B 134 6.56 34.00 -4.23
CA ASP B 134 5.57 33.86 -5.27
C ASP B 134 4.33 33.17 -4.74
N LEU B 135 4.46 32.45 -3.64
CA LEU B 135 3.32 31.73 -3.08
C LEU B 135 3.40 31.55 -1.57
N LEU B 136 2.24 31.68 -0.92
CA LEU B 136 2.15 31.53 0.54
C LEU B 136 1.17 30.45 1.02
N LYS B 137 1.66 29.52 1.82
CA LYS B 137 0.78 28.51 2.39
C LYS B 137 0.42 29.03 3.77
N PHE B 138 -0.78 29.57 3.91
CA PHE B 138 -1.17 30.09 5.20
C PHE B 138 -1.90 29.06 6.08
N ASP B 139 -1.16 28.43 6.98
CA ASP B 139 -1.70 27.42 7.88
C ASP B 139 -2.43 28.09 9.04
N GLY B 140 -3.29 27.34 9.73
CA GLY B 140 -4.03 27.90 10.85
C GLY B 140 -4.04 27.15 12.18
N CYS B 141 -2.88 27.03 12.80
CA CYS B 141 -2.80 26.37 14.09
C CYS B 141 -2.70 27.45 15.14
N TYR B 142 -3.40 27.28 16.25
CA TYR B 142 -3.31 28.24 17.35
C TYR B 142 -4.02 29.59 17.17
N CYS B 143 -5.25 29.69 17.67
CA CYS B 143 -6.00 30.94 17.63
C CYS B 143 -7.31 30.80 18.40
N ASP B 144 -7.66 31.83 19.16
CA ASP B 144 -8.88 31.84 19.98
C ASP B 144 -10.13 31.33 19.25
N SER B 145 -10.89 32.24 18.65
CA SER B 145 -12.11 31.85 17.95
C SER B 145 -12.05 32.17 16.46
N LEU B 146 -12.99 31.62 15.68
CA LEU B 146 -13.01 31.86 14.24
C LEU B 146 -12.87 33.35 13.98
N GLU B 147 -13.32 34.15 14.94
CA GLU B 147 -13.19 35.60 14.81
C GLU B 147 -11.72 35.83 14.41
N ASN B 148 -10.80 35.54 15.33
CA ASN B 148 -9.38 35.72 15.04
C ASN B 148 -8.99 35.00 13.77
N LEU B 149 -9.56 33.81 13.56
CA LEU B 149 -9.26 33.02 12.36
C LEU B 149 -9.75 33.70 11.08
N ALA B 150 -11.04 33.57 10.81
CA ALA B 150 -11.64 34.17 9.62
C ALA B 150 -10.99 35.50 9.28
N ASP B 151 -10.95 36.42 10.26
CA ASP B 151 -10.37 37.74 10.04
C ASP B 151 -8.92 37.64 9.58
N GLY B 152 -8.14 36.83 10.30
CA GLY B 152 -6.74 36.66 9.95
C GLY B 152 -6.54 36.26 8.50
N TYR B 153 -7.24 35.20 8.07
CA TYR B 153 -7.14 34.76 6.69
C TYR B 153 -7.50 35.93 5.81
N LYS B 154 -8.73 36.44 5.97
CA LYS B 154 -9.22 37.57 5.19
C LYS B 154 -8.22 38.72 5.18
N HIS B 155 -7.84 39.15 6.39
CA HIS B 155 -6.91 40.24 6.56
C HIS B 155 -5.66 40.04 5.71
N MET B 156 -4.88 39.03 6.06
CA MET B 156 -3.66 38.71 5.34
C MET B 156 -3.89 38.78 3.82
N SER B 157 -4.95 38.13 3.38
CA SER B 157 -5.33 38.10 1.97
C SER B 157 -5.21 39.48 1.34
N LEU B 158 -5.78 40.47 2.01
CA LEU B 158 -5.73 41.85 1.53
C LEU B 158 -4.33 42.44 1.64
N ALA B 159 -3.65 42.11 2.73
CA ALA B 159 -2.30 42.60 2.98
C ALA B 159 -1.42 42.32 1.78
N LEU B 160 -1.52 41.10 1.28
CA LEU B 160 -0.74 40.68 0.11
C LEU B 160 -1.10 41.51 -1.14
N ASN B 161 -2.35 41.42 -1.60
CA ASN B 161 -2.82 42.16 -2.78
C ASN B 161 -2.27 43.57 -2.74
N ARG B 162 -2.19 44.08 -1.51
CA ARG B 162 -1.68 45.41 -1.24
C ARG B 162 -0.20 45.52 -1.58
N THR B 163 0.59 44.54 -1.15
CA THR B 163 2.02 44.57 -1.40
C THR B 163 2.33 44.77 -2.87
N GLY B 164 1.43 44.36 -3.75
CA GLY B 164 1.66 44.53 -5.17
C GLY B 164 2.27 43.31 -5.83
N ARG B 165 3.01 42.53 -5.05
CA ARG B 165 3.65 41.30 -5.56
C ARG B 165 2.53 40.31 -5.86
N SER B 166 2.62 39.63 -7.01
CA SER B 166 1.62 38.63 -7.38
C SER B 166 1.93 37.35 -6.60
N ILE B 167 1.15 37.10 -5.53
CA ILE B 167 1.38 35.93 -4.67
C ILE B 167 0.22 34.93 -4.63
N VAL B 168 0.43 33.72 -5.15
CA VAL B 168 -0.62 32.71 -5.07
C VAL B 168 -0.85 32.44 -3.59
N TYR B 169 -2.07 32.68 -3.14
CA TYR B 169 -2.42 32.51 -1.75
C TYR B 169 -3.18 31.22 -1.52
N SER B 170 -2.56 30.28 -0.80
CA SER B 170 -3.16 28.98 -0.50
C SER B 170 -3.58 28.83 0.95
N CYS B 171 -4.88 28.92 1.18
CA CYS B 171 -5.46 28.84 2.50
C CYS B 171 -5.71 27.42 2.97
N GLU B 172 -5.94 27.29 4.28
CA GLU B 172 -6.21 26.03 4.96
C GLU B 172 -7.42 26.33 5.85
N TRP B 173 -7.95 27.54 5.65
CA TRP B 173 -9.10 28.08 6.36
C TRP B 173 -10.22 27.04 6.67
N PRO B 174 -10.84 26.47 5.61
CA PRO B 174 -11.92 25.49 5.75
C PRO B 174 -11.61 24.39 6.74
N LEU B 175 -10.50 23.67 6.49
CA LEU B 175 -10.07 22.58 7.35
C LEU B 175 -10.23 22.97 8.81
N TYR B 176 -10.21 24.28 9.08
CA TYR B 176 -10.35 24.83 10.42
C TYR B 176 -11.71 25.45 10.75
N MET B 177 -12.66 25.47 9.81
CA MET B 177 -13.97 26.01 10.13
C MET B 177 -14.75 24.93 10.90
N TRP B 178 -14.57 23.67 10.52
CA TRP B 178 -15.16 22.54 11.21
C TRP B 178 -14.28 22.57 12.47
N PRO B 179 -14.80 22.30 13.67
CA PRO B 179 -16.15 21.93 14.11
C PRO B 179 -16.93 23.14 14.60
N PHE B 180 -17.37 23.98 13.67
CA PHE B 180 -18.09 25.17 14.03
C PHE B 180 -19.24 25.40 13.09
N GLN B 181 -18.97 25.22 11.80
CA GLN B 181 -19.99 25.40 10.77
C GLN B 181 -19.39 25.25 9.37
N LYS B 182 -20.16 24.61 8.50
CA LYS B 182 -19.75 24.41 7.12
C LYS B 182 -19.44 25.80 6.53
N PRO B 183 -18.24 25.97 5.95
CA PRO B 183 -17.74 27.22 5.32
C PRO B 183 -18.44 27.95 4.16
N ASN B 184 -18.54 29.28 4.27
CA ASN B 184 -19.12 30.06 3.19
C ASN B 184 -17.95 29.99 2.22
N TYR B 185 -18.00 29.00 1.34
CA TYR B 185 -16.96 28.79 0.33
C TYR B 185 -16.98 29.91 -0.70
N THR B 186 -18.15 30.51 -0.93
CA THR B 186 -18.24 31.60 -1.89
C THR B 186 -17.39 32.72 -1.31
N GLU B 187 -17.42 32.83 0.01
CA GLU B 187 -16.66 33.84 0.73
C GLU B 187 -15.20 33.55 0.49
N ILE B 188 -14.75 32.45 1.10
CA ILE B 188 -13.37 31.97 0.99
C ILE B 188 -12.77 32.13 -0.39
N ARG B 189 -13.51 31.69 -1.41
CA ARG B 189 -13.08 31.77 -2.79
C ARG B 189 -12.75 33.19 -3.18
N GLN B 190 -13.28 34.16 -2.44
CA GLN B 190 -13.02 35.56 -2.72
C GLN B 190 -11.78 35.99 -1.95
N TYR B 191 -11.05 35.00 -1.45
CA TYR B 191 -9.86 35.29 -0.67
C TYR B 191 -8.71 34.30 -0.88
N CYS B 192 -8.95 33.24 -1.64
CA CYS B 192 -7.91 32.25 -1.85
C CYS B 192 -7.84 31.67 -3.23
N ASN B 193 -6.64 31.26 -3.61
CA ASN B 193 -6.44 30.66 -4.92
C ASN B 193 -6.76 29.17 -4.79
N HIS B 194 -6.72 28.69 -3.56
CA HIS B 194 -7.06 27.32 -3.22
C HIS B 194 -6.87 27.08 -1.75
N TRP B 195 -7.78 26.29 -1.20
CA TRP B 195 -7.84 26.00 0.22
C TRP B 195 -7.87 24.50 0.55
N ARG B 196 -7.48 24.16 1.78
CA ARG B 196 -7.48 22.78 2.26
C ARG B 196 -8.86 22.45 2.81
N ASN B 197 -9.27 21.18 2.70
CA ASN B 197 -10.57 20.76 3.21
C ASN B 197 -10.45 19.63 4.24
N PHE B 198 -9.66 18.60 3.91
CA PHE B 198 -9.47 17.43 4.79
C PHE B 198 -8.08 17.28 5.41
N ALA B 199 -8.03 16.62 6.56
CA ALA B 199 -6.80 16.39 7.33
C ALA B 199 -5.58 16.08 6.48
N ASP B 200 -4.40 16.15 7.10
CA ASP B 200 -3.17 15.88 6.37
C ASP B 200 -3.22 14.53 5.69
N ILE B 201 -2.18 14.24 4.93
CA ILE B 201 -2.14 12.98 4.19
C ILE B 201 -0.84 12.21 4.48
N ASP B 202 -1.01 10.95 4.92
CA ASP B 202 0.09 10.06 5.22
C ASP B 202 0.57 9.43 3.92
N ASP B 203 1.73 8.79 3.96
CA ASP B 203 2.23 8.12 2.76
C ASP B 203 1.59 6.74 2.92
N SER B 204 0.26 6.72 2.77
CA SER B 204 -0.52 5.50 2.95
C SER B 204 -1.74 5.42 2.05
N TRP B 205 -2.19 4.20 1.81
CA TRP B 205 -3.38 3.98 0.99
C TRP B 205 -4.61 4.46 1.78
N LYS B 206 -4.65 4.10 3.06
CA LYS B 206 -5.75 4.49 3.93
C LYS B 206 -6.02 5.99 3.83
N SER B 207 -5.02 6.78 4.20
CA SER B 207 -5.13 8.23 4.17
C SER B 207 -5.75 8.72 2.86
N ILE B 208 -5.39 8.06 1.75
CA ILE B 208 -5.95 8.45 0.48
C ILE B 208 -7.40 8.03 0.36
N LYS B 209 -7.68 6.79 0.70
CA LYS B 209 -9.04 6.31 0.64
C LYS B 209 -9.97 7.25 1.37
N SER B 210 -9.66 7.56 2.64
CA SER B 210 -10.49 8.46 3.42
C SER B 210 -10.73 9.79 2.72
N ILE B 211 -9.68 10.37 2.14
CA ILE B 211 -9.85 11.65 1.43
C ILE B 211 -10.83 11.50 0.26
N LEU B 212 -10.68 10.43 -0.52
CA LEU B 212 -11.62 10.24 -1.62
C LEU B 212 -13.02 10.14 -1.02
N ASP B 213 -13.24 9.11 -0.21
CA ASP B 213 -14.55 8.91 0.43
C ASP B 213 -15.09 10.20 1.01
N TRP B 214 -14.26 10.88 1.79
CA TRP B 214 -14.67 12.15 2.40
C TRP B 214 -15.09 13.11 1.29
N THR B 215 -14.22 13.35 0.32
CA THR B 215 -14.55 14.26 -0.77
C THR B 215 -15.76 13.72 -1.53
N SER B 216 -15.76 12.42 -1.77
CA SER B 216 -16.86 11.78 -2.49
C SER B 216 -18.20 12.16 -1.87
N PHE B 217 -18.25 12.07 -0.54
CA PHE B 217 -19.45 12.41 0.23
C PHE B 217 -19.52 13.89 0.65
N ASN B 218 -19.24 14.81 -0.28
CA ASN B 218 -19.34 16.23 0.03
C ASN B 218 -19.47 17.12 -1.17
N GLN B 219 -19.22 16.57 -2.35
CA GLN B 219 -19.30 17.34 -3.58
C GLN B 219 -20.38 18.44 -3.56
N GLU B 220 -21.54 18.14 -2.97
CA GLU B 220 -22.61 19.12 -2.89
C GLU B 220 -22.07 20.51 -2.61
N ARG B 221 -21.35 20.65 -1.50
CA ARG B 221 -20.80 21.94 -1.11
C ARG B 221 -19.55 22.41 -1.82
N ILE B 222 -18.61 21.49 -2.06
CA ILE B 222 -17.36 21.88 -2.68
C ILE B 222 -17.25 21.83 -4.19
N VAL B 223 -17.43 20.64 -4.76
CA VAL B 223 -17.33 20.43 -6.21
C VAL B 223 -17.77 21.62 -7.07
N ASP B 224 -18.73 22.37 -6.55
CA ASP B 224 -19.31 23.51 -7.23
C ASP B 224 -18.45 24.78 -7.28
N VAL B 225 -18.13 25.33 -6.11
CA VAL B 225 -17.32 26.55 -6.00
C VAL B 225 -15.93 26.42 -6.62
N ALA B 226 -15.69 25.33 -7.34
CA ALA B 226 -14.40 25.11 -7.95
C ALA B 226 -14.33 25.72 -9.36
N GLY B 227 -13.20 26.33 -9.68
CA GLY B 227 -13.02 26.94 -10.98
C GLY B 227 -11.84 27.88 -10.94
N PRO B 228 -11.44 28.47 -12.07
CA PRO B 228 -10.30 29.39 -12.14
C PRO B 228 -10.21 30.39 -10.99
N GLY B 229 -8.99 30.57 -10.48
CA GLY B 229 -8.80 31.49 -9.38
C GLY B 229 -8.86 30.76 -8.05
N GLY B 230 -9.83 29.87 -7.89
CA GLY B 230 -9.98 29.13 -6.64
C GLY B 230 -10.22 27.64 -6.82
N TRP B 231 -9.43 26.81 -6.12
CA TRP B 231 -9.57 25.37 -6.26
C TRP B 231 -9.70 24.61 -4.95
N ASN B 232 -10.25 23.41 -5.03
CA ASN B 232 -10.38 22.55 -3.86
C ASN B 232 -9.06 21.81 -3.79
N ASP B 233 -8.41 21.86 -2.63
CA ASP B 233 -7.11 21.24 -2.45
C ASP B 233 -7.04 20.09 -1.42
N PRO B 234 -6.91 18.84 -1.92
CA PRO B 234 -6.83 17.55 -1.21
C PRO B 234 -5.58 17.45 -0.34
N ASP B 235 -4.45 17.70 -0.99
CA ASP B 235 -3.13 17.70 -0.38
C ASP B 235 -2.06 17.26 -1.37
N MET B 236 -0.83 17.21 -0.87
CA MET B 236 0.31 16.84 -1.68
C MET B 236 0.15 15.48 -2.36
N LEU B 237 0.99 15.26 -3.37
CA LEU B 237 1.04 14.01 -4.13
C LEU B 237 2.17 13.18 -3.50
N VAL B 238 1.81 12.07 -2.87
CA VAL B 238 2.79 11.23 -2.23
C VAL B 238 3.34 10.14 -3.14
N ILE B 239 3.10 10.29 -4.44
CA ILE B 239 3.60 9.35 -5.43
C ILE B 239 5.12 9.50 -5.56
N GLY B 240 5.83 8.37 -5.52
CA GLY B 240 7.28 8.44 -5.63
C GLY B 240 7.95 8.09 -4.32
N ASN B 241 7.12 7.90 -3.29
CA ASN B 241 7.58 7.54 -1.96
C ASN B 241 7.53 6.03 -1.81
N PHE B 242 6.99 5.55 -0.70
CA PHE B 242 6.95 4.11 -0.46
C PHE B 242 5.63 3.54 -0.01
N GLY B 243 4.80 4.36 0.62
CA GLY B 243 3.53 3.88 1.11
C GLY B 243 2.52 3.38 0.09
N LEU B 244 2.69 3.80 -1.17
CA LEU B 244 1.76 3.37 -2.20
C LEU B 244 2.26 2.31 -3.17
N SER B 245 1.38 1.39 -3.50
CA SER B 245 1.73 0.34 -4.45
C SER B 245 1.56 1.01 -5.79
N TRP B 246 1.85 0.27 -6.86
CA TRP B 246 1.73 0.84 -8.18
C TRP B 246 0.31 1.17 -8.51
N ASN B 247 -0.56 0.18 -8.38
CA ASN B 247 -1.95 0.42 -8.69
C ASN B 247 -2.52 1.55 -7.87
N GLN B 248 -1.96 1.73 -6.69
CA GLN B 248 -2.41 2.78 -5.78
C GLN B 248 -1.96 4.16 -6.21
N GLN B 249 -0.78 4.25 -6.81
CA GLN B 249 -0.25 5.53 -7.27
C GLN B 249 -1.05 6.09 -8.45
N VAL B 250 -1.27 5.27 -9.47
CA VAL B 250 -2.03 5.76 -10.62
C VAL B 250 -3.35 6.33 -10.13
N THR B 251 -3.93 5.66 -9.15
CA THR B 251 -5.20 6.09 -8.60
C THR B 251 -5.14 7.55 -8.15
N GLN B 252 -4.25 7.87 -7.20
CA GLN B 252 -4.14 9.25 -6.71
C GLN B 252 -3.99 10.24 -7.87
N MET B 253 -3.01 9.98 -8.73
CA MET B 253 -2.77 10.83 -9.89
C MET B 253 -4.04 10.94 -10.73
N ALA B 254 -4.63 9.81 -11.10
CA ALA B 254 -5.83 9.83 -11.91
C ALA B 254 -6.91 10.68 -11.27
N LEU B 255 -7.17 10.45 -9.98
CA LEU B 255 -8.20 11.22 -9.31
C LEU B 255 -7.88 12.67 -9.00
N TRP B 256 -6.63 13.02 -8.70
CA TRP B 256 -6.36 14.43 -8.47
C TRP B 256 -6.69 15.17 -9.76
N ALA B 257 -6.43 14.50 -10.88
CA ALA B 257 -6.72 15.08 -12.19
C ALA B 257 -8.22 15.27 -12.33
N ILE B 258 -8.98 14.29 -11.86
CA ILE B 258 -10.44 14.38 -11.94
C ILE B 258 -10.95 15.51 -11.08
N MET B 259 -10.33 15.68 -9.91
CA MET B 259 -10.74 16.72 -8.98
C MET B 259 -10.01 18.04 -9.10
N ALA B 260 -9.70 18.47 -10.33
CA ALA B 260 -8.98 19.72 -10.53
C ALA B 260 -8.39 20.14 -9.19
N ALA B 261 -7.41 19.36 -8.74
CA ALA B 261 -6.78 19.64 -7.47
C ALA B 261 -5.36 20.16 -7.71
N PRO B 262 -4.83 20.96 -6.75
CA PRO B 262 -3.48 21.47 -6.96
C PRO B 262 -2.52 20.27 -6.98
N LEU B 263 -1.56 20.29 -7.89
CA LEU B 263 -0.59 19.21 -7.99
C LEU B 263 0.70 19.55 -7.30
N PHE B 264 0.85 19.01 -6.09
CA PHE B 264 2.07 19.24 -5.32
C PHE B 264 2.68 17.94 -4.88
N MET B 265 3.86 17.65 -5.41
CA MET B 265 4.54 16.44 -5.03
C MET B 265 5.15 16.67 -3.65
N SER B 266 5.50 15.57 -3.01
CA SER B 266 6.16 15.61 -1.72
C SER B 266 6.98 14.35 -1.82
N ASN B 267 8.05 14.43 -2.59
CA ASN B 267 8.91 13.30 -2.78
C ASN B 267 10.32 13.82 -2.97
N ASP B 268 11.30 12.93 -2.87
CA ASP B 268 12.67 13.32 -3.08
C ASP B 268 12.94 13.07 -4.57
N LEU B 269 12.95 14.14 -5.36
CA LEU B 269 13.18 14.04 -6.80
C LEU B 269 14.57 13.50 -7.18
N ARG B 270 15.40 13.25 -6.17
CA ARG B 270 16.76 12.73 -6.38
C ARG B 270 16.66 11.22 -6.44
N HIS B 271 16.05 10.67 -5.39
CA HIS B 271 15.84 9.25 -5.26
C HIS B 271 14.36 8.96 -5.51
N ILE B 272 13.97 9.07 -6.78
CA ILE B 272 12.59 8.79 -7.19
C ILE B 272 12.62 7.79 -8.33
N SER B 273 11.78 6.77 -8.21
CA SER B 273 11.68 5.73 -9.23
C SER B 273 11.46 6.31 -10.61
N PRO B 274 11.99 5.64 -11.65
CA PRO B 274 11.82 6.14 -13.02
C PRO B 274 10.35 5.93 -13.39
N GLN B 275 9.87 4.75 -13.01
CA GLN B 275 8.49 4.36 -13.26
C GLN B 275 7.56 5.39 -12.64
N ALA B 276 7.93 5.93 -11.48
CA ALA B 276 7.13 6.93 -10.81
C ALA B 276 7.15 8.23 -11.60
N LYS B 277 8.33 8.84 -11.68
CA LYS B 277 8.53 10.09 -12.42
C LYS B 277 7.78 10.09 -13.74
N ALA B 278 7.68 8.92 -14.37
CA ALA B 278 6.98 8.78 -15.64
C ALA B 278 5.54 9.19 -15.46
N LEU B 279 4.89 8.56 -14.49
CA LEU B 279 3.50 8.85 -14.18
C LEU B 279 3.35 10.32 -13.80
N LEU B 280 4.03 10.75 -12.76
CA LEU B 280 3.97 12.13 -12.29
C LEU B 280 4.04 13.16 -13.43
N GLN B 281 4.72 12.82 -14.52
CA GLN B 281 4.88 13.73 -15.66
C GLN B 281 4.05 13.42 -16.89
N ASP B 282 3.22 12.38 -16.84
CA ASP B 282 2.40 12.03 -18.01
C ASP B 282 1.67 13.24 -18.61
N LYS B 283 2.17 13.71 -19.76
CA LYS B 283 1.61 14.87 -20.46
C LYS B 283 0.08 14.87 -20.60
N ASP B 284 -0.47 13.72 -20.98
CA ASP B 284 -1.91 13.59 -21.19
C ASP B 284 -2.74 13.69 -19.93
N VAL B 285 -2.17 13.25 -18.81
CA VAL B 285 -2.88 13.31 -17.54
C VAL B 285 -2.78 14.70 -16.92
N ILE B 286 -1.60 15.30 -17.00
CA ILE B 286 -1.42 16.64 -16.48
C ILE B 286 -2.38 17.56 -17.22
N ALA B 287 -2.51 17.31 -18.52
CA ALA B 287 -3.38 18.08 -19.37
C ALA B 287 -4.79 18.05 -18.80
N ILE B 288 -5.28 16.86 -18.52
CA ILE B 288 -6.62 16.76 -17.96
C ILE B 288 -6.75 17.61 -16.72
N ASN B 289 -5.90 17.39 -15.73
CA ASN B 289 -5.96 18.17 -14.50
C ASN B 289 -5.80 19.67 -14.77
N GLN B 290 -5.01 19.99 -15.79
CA GLN B 290 -4.73 21.39 -16.17
C GLN B 290 -5.76 21.95 -17.14
N ASP B 291 -6.86 21.23 -17.32
CA ASP B 291 -7.91 21.67 -18.22
C ASP B 291 -8.20 23.14 -17.96
N PRO B 292 -8.27 23.94 -19.02
CA PRO B 292 -8.53 25.39 -18.95
C PRO B 292 -9.92 25.70 -18.45
N LEU B 293 -10.84 24.80 -18.74
CA LEU B 293 -12.22 24.96 -18.34
C LEU B 293 -12.34 25.18 -16.83
N GLY B 294 -11.79 24.26 -16.04
CA GLY B 294 -11.85 24.44 -14.61
C GLY B 294 -13.12 23.88 -13.99
N LYS B 295 -13.58 22.77 -14.55
CA LYS B 295 -14.78 22.11 -14.05
C LYS B 295 -14.38 20.86 -13.23
N GLN B 296 -14.49 20.96 -11.92
CA GLN B 296 -14.10 19.83 -11.06
C GLN B 296 -14.96 18.59 -11.26
N GLY B 297 -14.31 17.44 -11.30
CA GLY B 297 -15.03 16.19 -11.49
C GLY B 297 -15.83 15.80 -10.28
N TYR B 298 -16.34 14.57 -10.29
CA TYR B 298 -17.15 14.07 -9.20
C TYR B 298 -17.49 12.60 -9.37
N GLN B 299 -17.85 11.96 -8.26
CA GLN B 299 -18.20 10.55 -8.28
C GLN B 299 -19.58 10.45 -8.90
N LEU B 300 -19.72 9.52 -9.83
CA LEU B 300 -20.99 9.33 -10.47
C LEU B 300 -21.70 8.18 -9.80
N ARG B 301 -21.06 7.02 -9.81
CA ARG B 301 -21.64 5.82 -9.23
C ARG B 301 -20.98 5.27 -7.97
N GLN B 302 -21.73 4.41 -7.26
CA GLN B 302 -21.30 3.74 -6.03
C GLN B 302 -21.69 2.29 -6.23
N GLY B 303 -21.54 1.49 -5.18
CA GLY B 303 -21.93 0.10 -5.26
C GLY B 303 -21.00 -0.98 -5.78
N ASP B 304 -21.09 -2.15 -5.17
CA ASP B 304 -20.30 -3.33 -5.53
C ASP B 304 -18.78 -3.15 -5.45
N ASN B 305 -18.35 -2.20 -4.63
CA ASN B 305 -16.93 -1.95 -4.52
C ASN B 305 -16.44 -1.47 -5.86
N PHE B 306 -17.09 -0.44 -6.37
CA PHE B 306 -16.71 0.15 -7.63
C PHE B 306 -17.12 1.60 -7.54
N GLU B 307 -16.22 2.49 -7.98
CA GLU B 307 -16.49 3.92 -7.98
C GLU B 307 -16.26 4.49 -9.38
N VAL B 308 -17.22 5.27 -9.88
CA VAL B 308 -17.07 5.85 -11.19
C VAL B 308 -17.03 7.37 -11.11
N TRP B 309 -15.86 7.93 -11.41
CA TRP B 309 -15.68 9.37 -11.38
C TRP B 309 -15.61 9.94 -12.79
N GLU B 310 -15.83 11.24 -12.91
CA GLU B 310 -15.78 11.90 -14.21
C GLU B 310 -15.72 13.42 -14.08
N ARG B 311 -15.03 14.05 -15.02
CA ARG B 311 -14.90 15.49 -15.04
C ARG B 311 -15.09 15.95 -16.47
N PRO B 312 -15.92 16.96 -16.68
CA PRO B 312 -16.08 17.41 -18.06
C PRO B 312 -14.86 18.28 -18.34
N LEU B 313 -14.35 18.20 -19.57
CA LEU B 313 -13.17 18.99 -19.95
C LEU B 313 -13.63 20.07 -20.93
N SER B 314 -12.76 20.44 -21.85
CA SER B 314 -13.09 21.46 -22.84
C SER B 314 -13.33 20.73 -24.14
N GLY B 315 -14.09 21.35 -25.04
CA GLY B 315 -14.35 20.75 -26.34
C GLY B 315 -15.16 19.47 -26.35
N LEU B 316 -16.17 19.40 -25.48
CA LEU B 316 -17.04 18.22 -25.41
C LEU B 316 -16.30 16.94 -25.06
N ALA B 317 -15.11 17.09 -24.50
CA ALA B 317 -14.30 15.95 -24.11
C ALA B 317 -14.51 15.71 -22.63
N TRP B 318 -14.55 14.44 -22.23
CA TRP B 318 -14.76 14.10 -20.84
C TRP B 318 -13.74 13.11 -20.30
N ALA B 319 -13.36 13.29 -19.05
CA ALA B 319 -12.40 12.42 -18.42
C ALA B 319 -13.20 11.52 -17.51
N VAL B 320 -12.80 10.24 -17.40
CA VAL B 320 -13.53 9.30 -16.55
C VAL B 320 -12.63 8.37 -15.73
N ALA B 321 -12.99 8.18 -14.46
CA ALA B 321 -12.22 7.31 -13.58
C ALA B 321 -12.95 6.03 -13.23
N MET B 322 -12.18 4.98 -12.99
CA MET B 322 -12.73 3.68 -12.64
C MET B 322 -11.86 3.04 -11.54
N ILE B 323 -12.33 3.18 -10.31
CA ILE B 323 -11.62 2.66 -9.13
C ILE B 323 -12.19 1.35 -8.66
N ASN B 324 -11.32 0.34 -8.46
CA ASN B 324 -11.76 -0.94 -7.96
C ASN B 324 -11.47 -0.96 -6.46
N ARG B 325 -12.48 -0.59 -5.67
CA ARG B 325 -12.31 -0.55 -4.23
C ARG B 325 -12.29 -1.93 -3.57
N GLN B 326 -12.03 -2.98 -4.35
CA GLN B 326 -11.98 -4.34 -3.77
C GLN B 326 -10.57 -4.81 -3.37
N GLU B 327 -10.21 -4.53 -2.12
CA GLU B 327 -8.90 -4.87 -1.56
C GLU B 327 -8.34 -6.29 -1.77
N ILE B 328 -9.21 -7.25 -2.07
CA ILE B 328 -8.76 -8.63 -2.24
C ILE B 328 -9.15 -9.25 -3.59
N GLY B 329 -8.48 -10.35 -3.94
CA GLY B 329 -8.76 -11.03 -5.20
C GLY B 329 -7.85 -10.62 -6.33
N GLY B 330 -8.43 -10.34 -7.49
CA GLY B 330 -7.66 -9.93 -8.64
C GLY B 330 -8.36 -8.81 -9.38
N PRO B 331 -8.05 -8.61 -10.67
CA PRO B 331 -8.65 -7.56 -11.49
C PRO B 331 -10.06 -7.95 -11.88
N ARG B 332 -11.05 -7.17 -11.47
CA ARG B 332 -12.43 -7.46 -11.78
C ARG B 332 -12.76 -6.73 -13.07
N SER B 333 -13.96 -6.92 -13.59
CA SER B 333 -14.31 -6.22 -14.83
C SER B 333 -15.57 -5.41 -14.60
N TYR B 334 -15.56 -4.17 -15.09
CA TYR B 334 -16.71 -3.30 -14.95
C TYR B 334 -17.17 -2.89 -16.35
N THR B 335 -18.49 -2.85 -16.53
CA THR B 335 -19.10 -2.50 -17.81
C THR B 335 -20.23 -1.51 -17.61
N ILE B 336 -20.26 -0.45 -18.41
CA ILE B 336 -21.33 0.56 -18.29
C ILE B 336 -21.87 1.02 -19.63
N ALA B 337 -23.01 1.71 -19.58
CA ALA B 337 -23.66 2.24 -20.77
C ALA B 337 -22.98 3.52 -21.27
N VAL B 338 -22.10 3.37 -22.24
CA VAL B 338 -21.41 4.47 -22.84
C VAL B 338 -22.26 5.72 -22.81
N ALA B 339 -23.52 5.55 -23.18
CA ALA B 339 -24.49 6.64 -23.20
C ALA B 339 -24.63 7.36 -21.85
N SER B 340 -25.25 6.68 -20.90
CA SER B 340 -25.46 7.25 -19.58
C SER B 340 -24.13 7.54 -18.87
N LEU B 341 -23.17 8.09 -19.60
CA LEU B 341 -21.88 8.44 -19.02
C LEU B 341 -21.70 9.96 -18.94
N GLY B 342 -21.21 10.56 -20.03
CA GLY B 342 -20.98 11.99 -20.06
C GLY B 342 -22.30 12.72 -19.98
N LYS B 343 -23.02 12.50 -18.89
CA LYS B 343 -24.34 13.10 -18.66
C LYS B 343 -25.23 12.88 -19.86
N GLY B 344 -24.84 11.92 -20.69
CA GLY B 344 -25.60 11.61 -21.89
C GLY B 344 -25.01 12.24 -23.13
N VAL B 345 -24.36 13.40 -22.95
CA VAL B 345 -23.75 14.14 -24.05
C VAL B 345 -22.60 13.41 -24.72
N ALA B 346 -21.41 13.49 -24.11
CA ALA B 346 -20.24 12.82 -24.66
C ALA B 346 -20.65 11.39 -25.01
N CYS B 347 -20.53 11.08 -26.29
CA CYS B 347 -20.89 9.77 -26.86
C CYS B 347 -22.14 9.88 -27.69
N ASN B 348 -22.47 11.11 -28.06
CA ASN B 348 -23.64 11.40 -28.90
C ASN B 348 -23.15 12.24 -30.08
N PRO B 349 -23.02 11.61 -31.26
CA PRO B 349 -23.30 10.19 -31.53
C PRO B 349 -22.13 9.25 -31.23
N ALA B 350 -20.94 9.64 -31.70
CA ALA B 350 -19.71 8.86 -31.51
C ALA B 350 -18.81 9.33 -30.35
N CYS B 351 -18.12 8.37 -29.74
CA CYS B 351 -17.21 8.63 -28.64
C CYS B 351 -15.90 7.97 -28.91
N PHE B 352 -14.83 8.75 -28.94
CA PHE B 352 -13.55 8.13 -29.15
C PHE B 352 -12.88 8.08 -27.79
N ILE B 353 -12.71 6.86 -27.28
CA ILE B 353 -12.11 6.65 -25.97
C ILE B 353 -10.70 6.12 -26.06
N THR B 354 -9.78 6.82 -25.43
CA THR B 354 -8.41 6.39 -25.43
C THR B 354 -8.02 6.19 -23.97
N GLN B 355 -7.80 4.94 -23.58
CA GLN B 355 -7.40 4.68 -22.20
C GLN B 355 -6.20 5.57 -21.98
N LEU B 356 -6.26 6.40 -20.95
CA LEU B 356 -5.15 7.30 -20.72
C LEU B 356 -4.36 6.80 -19.54
N LEU B 357 -4.85 5.72 -18.93
CA LEU B 357 -4.24 5.11 -17.74
C LEU B 357 -4.92 3.78 -17.40
N PRO B 358 -4.17 2.84 -16.82
CA PRO B 358 -2.74 2.96 -16.50
C PRO B 358 -1.78 2.70 -17.67
N VAL B 359 -2.28 2.69 -18.91
CA VAL B 359 -1.41 2.39 -20.03
C VAL B 359 -1.66 3.14 -21.34
N LYS B 360 -2.37 4.25 -21.27
CA LYS B 360 -2.64 5.02 -22.49
C LYS B 360 -2.71 4.18 -23.75
N ARG B 361 -3.83 3.48 -23.93
CA ARG B 361 -4.05 2.64 -25.09
C ARG B 361 -5.15 3.32 -25.92
N LYS B 362 -5.20 3.00 -27.21
CA LYS B 362 -6.17 3.59 -28.12
C LYS B 362 -7.37 2.69 -28.37
N LEU B 363 -8.41 2.82 -27.56
CA LEU B 363 -9.61 2.00 -27.76
C LEU B 363 -10.32 2.56 -28.98
N GLY B 364 -11.21 1.78 -29.59
CA GLY B 364 -11.90 2.25 -30.78
C GLY B 364 -12.96 3.33 -30.62
N PHE B 365 -13.83 3.46 -31.63
CA PHE B 365 -14.91 4.45 -31.60
C PHE B 365 -16.09 3.84 -30.85
N TYR B 366 -16.87 4.67 -30.16
CA TYR B 366 -18.02 4.18 -29.42
C TYR B 366 -19.27 4.99 -29.74
N GLU B 367 -20.35 4.32 -30.09
CA GLU B 367 -21.58 5.04 -30.40
C GLU B 367 -22.28 5.33 -29.11
N TRP B 368 -23.37 6.07 -29.22
CA TRP B 368 -24.13 6.41 -28.05
C TRP B 368 -24.55 5.07 -27.45
N THR B 369 -25.26 4.26 -28.22
CA THR B 369 -25.71 2.95 -27.77
C THR B 369 -24.59 2.18 -27.07
N SER B 370 -23.44 2.14 -27.74
CA SER B 370 -22.23 1.44 -27.29
C SER B 370 -22.14 1.07 -25.80
N ARG B 371 -21.55 -0.09 -25.54
CA ARG B 371 -21.37 -0.59 -24.17
C ARG B 371 -19.86 -0.72 -23.91
N LEU B 372 -19.34 0.05 -22.97
CA LEU B 372 -17.92 -0.02 -22.65
C LEU B 372 -17.62 -0.92 -21.46
N ARG B 373 -16.72 -1.87 -21.71
CA ARG B 373 -16.30 -2.84 -20.70
C ARG B 373 -14.81 -2.74 -20.48
N SER B 374 -14.39 -2.94 -19.24
CA SER B 374 -12.98 -2.86 -18.95
C SER B 374 -12.71 -3.49 -17.59
N HIS B 375 -11.51 -4.03 -17.44
CA HIS B 375 -11.11 -4.66 -16.20
C HIS B 375 -10.27 -3.65 -15.38
N ILE B 376 -10.41 -3.69 -14.06
CA ILE B 376 -9.68 -2.79 -13.17
C ILE B 376 -8.99 -3.52 -12.02
N ASN B 377 -7.69 -3.27 -11.83
CA ASN B 377 -6.93 -3.93 -10.76
C ASN B 377 -7.35 -3.47 -9.36
N PRO B 378 -7.16 -4.34 -8.35
CA PRO B 378 -7.52 -3.99 -6.98
C PRO B 378 -6.82 -2.71 -6.53
N THR B 379 -7.59 -1.79 -5.93
CA THR B 379 -7.08 -0.51 -5.44
C THR B 379 -6.51 0.34 -6.56
N GLY B 380 -6.66 -0.15 -7.80
CA GLY B 380 -6.16 0.58 -8.94
C GLY B 380 -7.24 1.46 -9.57
N THR B 381 -6.92 2.08 -10.72
CA THR B 381 -7.85 2.96 -11.42
C THR B 381 -7.59 3.02 -12.91
N VAL B 382 -8.67 2.99 -13.70
CA VAL B 382 -8.55 3.09 -15.17
C VAL B 382 -9.11 4.44 -15.56
N LEU B 383 -8.24 5.31 -16.06
CA LEU B 383 -8.62 6.65 -16.48
C LEU B 383 -8.89 6.70 -17.97
N LEU B 384 -10.07 7.21 -18.33
CA LEU B 384 -10.46 7.31 -19.72
C LEU B 384 -10.72 8.73 -20.14
N GLN B 385 -10.57 8.98 -21.43
CA GLN B 385 -10.87 10.29 -21.99
C GLN B 385 -11.72 10.14 -23.23
N LEU B 386 -12.89 10.76 -23.20
CA LEU B 386 -13.83 10.68 -24.32
C LEU B 386 -13.91 11.98 -25.10
N GLU B 387 -13.80 11.88 -26.41
CA GLU B 387 -13.94 13.06 -27.18
C GLU B 387 -15.14 12.82 -28.05
N ASN B 388 -15.85 13.88 -28.40
CA ASN B 388 -17.02 13.72 -29.23
C ASN B 388 -16.70 13.92 -30.70
N THR B 389 -17.30 13.08 -31.55
CA THR B 389 -17.12 13.16 -32.99
C THR B 389 -18.31 12.54 -33.73
N MET B 390 -18.13 12.23 -35.00
CA MET B 390 -19.20 11.62 -35.77
C MET B 390 -18.66 10.86 -36.99
N GLN B 391 -17.95 9.76 -36.74
CA GLN B 391 -17.39 8.94 -37.81
C GLN B 391 -18.45 8.00 -38.39
#